data_9GD4
#
_entry.id   9GD4
#
_cell.length_a   98.205
_cell.length_b   47.845
_cell.length_c   148.885
_cell.angle_alpha   90
_cell.angle_beta   103.29
_cell.angle_gamma   90
#
_symmetry.space_group_name_H-M   'P 1 21 1'
#
loop_
_entity.id
_entity.type
_entity.pdbx_description
1 polymer 'Cell division control protein 10'
2 polymer 'Cell division control protein 3'
3 polymer 'Cell division control protein 12'
4 polymer 'Seventh homolog of septin 1'
5 non-polymer "GUANOSINE-5'-DIPHOSPHATE"
6 non-polymer 'MAGNESIUM ION'
7 non-polymer 'SULFATE ION'
8 water water
#
loop_
_entity_poly.entity_id
_entity_poly.type
_entity_poly.pdbx_seq_one_letter_code
_entity_poly.pdbx_strand_id
1 'polypeptide(L)'
;MADLNWMGFQFNIMVVGQSGLGKSTLINTLFASHLIDSATGDDISALPVTKTTEMKISTHTLVEDRVRLNINVIDTPGFG
DFIDNSKAWEPIVKYIKEQHSQYLRKELTAQRERFITDTRVHAILYFLQPNGKELSRLDVEALKRLTEIANVIPVIGKSD
TLTLDERTEFRELIQNEFEKYNFKIYPYDSEELTDEELELNRSVRSIIPFAVVGSENEIEINGETFRGRKTRWSAINVED
INQCDFVYLREFLIRTHLQDLIETTSYIHYEGFRARQLIALKENANSRSSAHMSSNAIQR
;
A
2 'polypeptide(L)'
;MLQVLPDQPEIKFIRRQINGYVGFANLPKQWHRRSIKNGFSFNLLCVGPDGIGKTTLMKTLFNNDDIEANLVKDYEEELA
NDQEEEEGQGEGHENQSQEQRHKVKIKSYESVIEENGVKLNLNVIDTEGFGDFLNNDQKSWDPIIKEIDSRFDQYLDAEN
KINRHSINDKRIHACLYFIEPTGHYLKPLDLKFMQSVYEKCNLIPVIAKSDILTDEEILSFKKTIMNQLIQSNIELFKPP
IYSNDDAENSHLSERLFSSLPYAVIGSNDIVENYSGNQVRGRSYPWGVIEVDNDNHSDFNLLKNLLIKQFMEELKERTSK
ILYENYRSSKLA
;
B
3 'polypeptide(L)'
;MGSSHHHHHHSQDPNSMSAATATAAPVPPPVGISNLPNQRYKIVNEEGGTFTVMLCGESGLGKTTFINTLFQTVLKRADG
QQHRQEPIRKTVEIDITRALLEEKHFELRVNVIDTPGFGDNVNNNKAWQPLVDFIDDQHDSYMRQEQQPYRTKKFDLRVH
AVLYFIRPTGHGLKPIDIETMKRLSTRANLIPVIAKADTLTAQELQQFKSRIRQVIEAQEIRIFTPPLDADSKEDAKSGS
NPDSAAVEHARQLIEAMPFAIVGSEKKFDNGQGTQVVARKYPWGLVEIENDSHCDFRKLRALLLRTYLLDLISTTQEMHY
ETYRRLRLEG
;
C
4 'polypeptide(L)'
;MGITYTMLLCGPAGTGKTAFANNLLETKIFPHKYQYGKSNASISSNPEVKVIAPTKVVSFNSKNGIPSYVSEFDPMRANL
EPGITITSTSLELGGNKDQGKPEMNEDDTVFFNLIMTHGIGENLDDSLCSEEVMSYLEQQFDIVLAEETRIKRNPRFEDT
RVHVALYFIEPTGHGLREVDVELMKSISKYTNVLPIITRADSFTKEELTQFRKNIMFDVERYNVPIYKFEVDPEDDDLES
MEENQALASLQPFAIITSDTRDSEGRYVREYPWGIISIDDDKISDLKVLKNVLFGSHLQEFKDTTQNLLYENYRSEKLSS
;
D
#
loop_
_chem_comp.id
_chem_comp.type
_chem_comp.name
_chem_comp.formula
GDP RNA linking GUANOSINE-5'-DIPHOSPHATE 'C10 H15 N5 O11 P2'
MG non-polymer 'MAGNESIUM ION' 'Mg 2'
SO4 non-polymer 'SULFATE ION' 'O4 S -2'
#
# COMPACT_ATOMS: atom_id res chain seq x y z
N PHE A 9 21.21 -75.66 -2.28
CA PHE A 9 19.99 -75.00 -1.83
C PHE A 9 19.49 -74.00 -2.88
N GLN A 10 18.22 -73.61 -2.78
CA GLN A 10 17.60 -72.65 -3.69
C GLN A 10 16.62 -71.82 -2.89
N PHE A 11 16.92 -70.53 -2.71
CA PHE A 11 16.06 -69.62 -1.97
C PHE A 11 15.65 -68.46 -2.85
N ASN A 12 14.35 -68.22 -2.96
CA ASN A 12 13.80 -67.17 -3.81
C ASN A 12 13.20 -66.08 -2.94
N ILE A 13 13.70 -64.86 -3.09
CA ILE A 13 13.27 -63.75 -2.26
C ILE A 13 12.82 -62.58 -3.13
N MET A 14 11.69 -61.99 -2.79
CA MET A 14 11.11 -60.86 -3.50
C MET A 14 11.11 -59.64 -2.59
N VAL A 15 11.23 -58.47 -3.18
CA VAL A 15 11.18 -57.19 -2.48
C VAL A 15 10.06 -56.38 -3.12
N VAL A 16 9.07 -55.97 -2.30
CA VAL A 16 7.92 -55.22 -2.78
C VAL A 16 7.85 -53.89 -2.05
N GLY A 17 7.97 -52.80 -2.80
CA GLY A 17 7.90 -51.47 -2.24
C GLY A 17 8.16 -50.39 -3.26
N GLN A 18 7.81 -49.17 -2.91
CA GLN A 18 8.03 -48.02 -3.77
C GLN A 18 9.51 -47.76 -3.94
N SER A 19 9.88 -47.24 -5.12
CA SER A 19 11.27 -46.90 -5.44
C SER A 19 11.81 -45.90 -4.42
N GLY A 20 13.01 -46.16 -3.95
CA GLY A 20 13.67 -45.32 -2.97
C GLY A 20 13.37 -45.63 -1.52
N LEU A 21 12.83 -46.81 -1.24
CA LEU A 21 12.61 -47.27 0.13
C LEU A 21 13.80 -48.11 0.68
N GLY A 22 14.87 -48.28 -0.11
CA GLY A 22 16.04 -49.01 0.30
C GLY A 22 15.90 -50.50 0.17
N LYS A 23 15.27 -50.96 -0.92
CA LYS A 23 15.05 -52.38 -1.14
C LYS A 23 16.33 -53.05 -1.61
N SER A 24 16.97 -52.49 -2.64
CA SER A 24 18.23 -53.05 -3.14
C SER A 24 19.32 -52.91 -2.09
N THR A 25 19.38 -51.79 -1.39
CA THR A 25 20.33 -51.59 -0.30
C THR A 25 20.14 -52.64 0.80
N LEU A 26 18.88 -52.92 1.21
CA LEU A 26 18.64 -53.90 2.26
C LEU A 26 19.08 -55.29 1.82
N ILE A 27 18.78 -55.68 0.56
CA ILE A 27 19.18 -56.98 0.06
C ILE A 27 20.71 -57.13 0.07
N ASN A 28 21.40 -56.12 -0.47
CA ASN A 28 22.85 -56.13 -0.50
C ASN A 28 23.49 -56.08 0.89
N THR A 29 22.82 -55.45 1.85
CA THR A 29 23.31 -55.39 3.23
C THR A 29 23.11 -56.75 3.88
N LEU A 30 21.96 -57.40 3.66
CA LEU A 30 21.66 -58.70 4.25
C LEU A 30 22.64 -59.79 3.77
N PHE A 31 22.90 -59.85 2.46
CA PHE A 31 23.79 -60.84 1.88
C PHE A 31 25.25 -60.37 1.72
N ALA A 32 25.59 -59.16 2.22
CA ALA A 32 26.94 -58.61 2.21
C ALA A 32 27.64 -58.72 0.84
N SER A 33 26.96 -58.25 -0.19
CA SER A 33 27.48 -58.22 -1.57
C SER A 33 26.56 -57.39 -2.45
N HIS A 34 27.06 -56.89 -3.57
CA HIS A 34 26.23 -56.12 -4.49
C HIS A 34 25.47 -57.06 -5.43
N LEU A 35 24.42 -57.71 -4.90
CA LEU A 35 23.62 -58.63 -5.69
C LEU A 35 22.83 -57.86 -6.77
N ILE A 36 22.00 -56.90 -6.35
CA ILE A 36 21.13 -56.17 -7.24
C ILE A 36 21.37 -54.67 -7.14
N ASP A 37 20.93 -53.95 -8.16
CA ASP A 37 21.02 -52.50 -8.17
C ASP A 37 19.59 -51.96 -8.08
N SER A 38 19.43 -50.67 -7.72
CA SER A 38 18.12 -50.03 -7.64
C SER A 38 17.45 -50.08 -9.00
N ALA A 39 16.26 -50.68 -9.07
CA ALA A 39 15.56 -50.84 -10.34
C ALA A 39 15.36 -49.53 -11.10
N THR A 40 15.28 -48.41 -10.37
CA THR A 40 15.08 -47.08 -10.96
C THR A 40 16.30 -46.18 -10.79
N GLY A 41 16.87 -46.12 -9.58
CA GLY A 41 17.96 -45.20 -9.30
C GLY A 41 17.43 -43.78 -9.27
N ASP A 42 18.30 -42.81 -9.56
CA ASP A 42 17.91 -41.40 -9.55
C ASP A 42 17.42 -40.98 -10.94
N ASP A 43 16.52 -41.78 -11.53
CA ASP A 43 15.99 -41.53 -12.86
C ASP A 43 14.52 -41.97 -12.93
N ILE A 44 13.63 -41.04 -13.29
CA ILE A 44 12.19 -41.32 -13.42
C ILE A 44 11.90 -42.08 -14.72
N SER A 45 12.64 -41.82 -15.80
CA SER A 45 12.44 -42.55 -17.05
C SER A 45 12.80 -44.04 -16.89
N ALA A 46 13.61 -44.39 -15.87
CA ALA A 46 13.93 -45.79 -15.58
C ALA A 46 12.70 -46.59 -15.15
N LEU A 47 11.60 -45.92 -14.75
CA LEU A 47 10.38 -46.62 -14.38
C LEU A 47 9.78 -47.33 -15.59
N PRO A 48 9.08 -48.46 -15.40
CA PRO A 48 8.48 -49.17 -16.54
C PRO A 48 7.71 -48.28 -17.51
N VAL A 49 8.07 -48.31 -18.79
CA VAL A 49 7.32 -47.57 -19.82
C VAL A 49 5.86 -48.07 -19.90
N THR A 50 5.61 -49.34 -19.55
CA THR A 50 4.28 -49.91 -19.51
C THR A 50 3.38 -49.23 -18.46
N LYS A 51 3.95 -48.48 -17.50
CA LYS A 51 3.23 -47.83 -16.42
C LYS A 51 2.52 -48.86 -15.55
N THR A 52 3.19 -50.00 -15.31
CA THR A 52 2.71 -51.11 -14.49
C THR A 52 3.90 -51.72 -13.73
N THR A 53 3.62 -52.64 -12.78
CA THR A 53 4.67 -53.32 -12.06
C THR A 53 5.26 -54.39 -12.96
N GLU A 54 6.60 -54.44 -13.05
CA GLU A 54 7.31 -55.44 -13.83
C GLU A 54 8.24 -56.22 -12.90
N MET A 55 8.50 -57.48 -13.25
CA MET A 55 9.36 -58.34 -12.43
C MET A 55 10.79 -58.23 -12.95
N LYS A 56 11.74 -58.02 -12.04
CA LYS A 56 13.15 -57.90 -12.35
C LYS A 56 13.83 -58.99 -11.54
N ILE A 57 14.20 -60.08 -12.20
CA ILE A 57 14.78 -61.27 -11.55
C ILE A 57 16.28 -61.34 -11.78
N SER A 58 17.02 -61.72 -10.74
CA SER A 58 18.46 -61.89 -10.80
C SER A 58 18.86 -63.15 -10.04
N THR A 59 19.92 -63.82 -10.50
CA THR A 59 20.41 -65.07 -9.94
C THR A 59 21.83 -64.89 -9.42
N HIS A 60 22.10 -65.46 -8.24
CA HIS A 60 23.42 -65.36 -7.61
C HIS A 60 23.68 -66.63 -6.81
N THR A 61 24.94 -66.89 -6.48
CA THR A 61 25.33 -68.05 -5.67
C THR A 61 26.23 -67.57 -4.55
N LEU A 62 25.88 -67.90 -3.32
CA LEU A 62 26.62 -67.42 -2.16
C LEU A 62 26.99 -68.59 -1.26
N VAL A 63 28.10 -68.43 -0.53
CA VAL A 63 28.60 -69.46 0.38
C VAL A 63 29.08 -68.79 1.67
N VAL A 67 27.57 -73.50 3.10
CA VAL A 67 26.51 -74.07 2.27
C VAL A 67 26.38 -73.26 0.98
N ARG A 68 26.35 -73.94 -0.17
CA ARG A 68 26.19 -73.28 -1.47
C ARG A 68 24.72 -72.94 -1.69
N LEU A 69 24.31 -71.71 -1.37
CA LEU A 69 22.94 -71.25 -1.51
C LEU A 69 22.75 -70.44 -2.79
N ASN A 70 21.81 -70.86 -3.64
CA ASN A 70 21.54 -70.18 -4.90
C ASN A 70 20.39 -69.21 -4.66
N ILE A 71 20.72 -67.92 -4.51
CA ILE A 71 19.76 -66.88 -4.22
C ILE A 71 19.17 -66.32 -5.49
N ASN A 72 17.84 -66.21 -5.52
CA ASN A 72 17.12 -65.54 -6.60
C ASN A 72 16.46 -64.32 -5.99
N VAL A 73 16.67 -63.14 -6.59
CA VAL A 73 16.10 -61.89 -6.10
C VAL A 73 15.10 -61.38 -7.13
N ILE A 74 13.89 -61.06 -6.68
CA ILE A 74 12.81 -60.58 -7.52
C ILE A 74 12.41 -59.17 -7.05
N ASP A 75 12.83 -58.15 -7.79
CA ASP A 75 12.41 -56.79 -7.51
C ASP A 75 11.14 -56.51 -8.31
N THR A 76 10.29 -55.59 -7.82
CA THR A 76 9.01 -55.29 -8.45
C THR A 76 8.91 -53.80 -8.82
N PRO A 77 9.76 -53.28 -9.73
CA PRO A 77 9.66 -51.86 -10.09
C PRO A 77 8.31 -51.50 -10.68
N GLY A 78 7.77 -50.37 -10.22
CA GLY A 78 6.46 -49.88 -10.66
C GLY A 78 5.38 -49.95 -9.59
N PHE A 79 5.61 -50.74 -8.52
CA PHE A 79 4.63 -50.88 -7.45
C PHE A 79 4.52 -49.58 -6.65
N GLY A 80 3.41 -48.87 -6.84
CA GLY A 80 3.17 -47.61 -6.16
C GLY A 80 4.01 -46.44 -6.63
N ASP A 81 4.60 -46.54 -7.82
CA ASP A 81 5.47 -45.51 -8.37
C ASP A 81 4.81 -44.65 -9.46
N PHE A 82 3.52 -44.89 -9.76
CA PHE A 82 2.81 -44.16 -10.80
C PHE A 82 1.57 -43.44 -10.25
N ILE A 83 0.92 -42.65 -11.11
CA ILE A 83 -0.32 -41.97 -10.76
C ILE A 83 -1.40 -43.03 -10.51
N ASP A 84 -1.56 -43.97 -11.46
CA ASP A 84 -2.53 -45.05 -11.32
C ASP A 84 -1.86 -46.35 -10.88
N ASN A 85 -2.13 -46.77 -9.64
CA ASN A 85 -1.60 -48.01 -9.08
C ASN A 85 -2.74 -48.99 -8.75
N SER A 86 -3.87 -48.92 -9.47
CA SER A 86 -5.01 -49.80 -9.22
C SER A 86 -4.76 -51.25 -9.63
N LYS A 87 -3.69 -51.53 -10.40
CA LYS A 87 -3.29 -52.88 -10.77
C LYS A 87 -1.80 -53.10 -10.48
N ALA A 88 -1.25 -52.43 -9.45
CA ALA A 88 0.16 -52.53 -9.09
C ALA A 88 0.54 -53.90 -8.55
N TRP A 89 -0.38 -54.59 -7.90
CA TRP A 89 -0.15 -55.92 -7.31
C TRP A 89 -0.43 -57.07 -8.25
N GLU A 90 -1.20 -56.86 -9.31
CA GLU A 90 -1.61 -57.94 -10.20
C GLU A 90 -0.41 -58.66 -10.88
N PRO A 91 0.62 -57.97 -11.41
CA PRO A 91 1.78 -58.71 -11.96
C PRO A 91 2.53 -59.54 -10.90
N ILE A 92 2.57 -59.07 -9.64
CA ILE A 92 3.25 -59.79 -8.56
C ILE A 92 2.50 -61.09 -8.27
N VAL A 93 1.17 -60.99 -8.14
CA VAL A 93 0.32 -62.15 -7.88
C VAL A 93 0.42 -63.14 -9.04
N LYS A 94 0.40 -62.62 -10.28
CA LYS A 94 0.55 -63.49 -11.47
C LYS A 94 1.88 -64.23 -11.44
N TYR A 95 2.98 -63.53 -11.12
CA TYR A 95 4.29 -64.18 -11.07
C TYR A 95 4.33 -65.28 -10.01
N ILE A 96 3.86 -65.00 -8.79
CA ILE A 96 3.90 -66.00 -7.72
C ILE A 96 3.04 -67.22 -8.08
N LYS A 97 1.82 -66.98 -8.55
CA LYS A 97 0.94 -68.07 -8.96
C LYS A 97 1.50 -68.85 -10.16
N GLU A 98 2.23 -68.19 -11.06
CA GLU A 98 2.85 -68.89 -12.20
C GLU A 98 3.94 -69.83 -11.72
N GLN A 99 4.70 -69.44 -10.68
CA GLN A 99 5.74 -70.32 -10.14
C GLN A 99 5.11 -71.51 -9.42
N HIS A 100 4.00 -71.28 -8.70
CA HIS A 100 3.26 -72.37 -8.05
C HIS A 100 2.71 -73.33 -9.10
N SER A 101 2.08 -72.80 -10.15
CA SER A 101 1.52 -73.60 -11.23
C SER A 101 2.59 -74.40 -11.98
N GLN A 102 3.74 -73.79 -12.22
CA GLN A 102 4.88 -74.44 -12.89
C GLN A 102 5.38 -75.62 -12.06
N TYR A 103 5.51 -75.45 -10.73
CA TYR A 103 5.94 -76.55 -9.86
C TYR A 103 4.91 -77.66 -9.89
N LEU A 104 3.62 -77.31 -9.87
CA LEU A 104 2.56 -78.32 -9.91
C LEU A 104 2.60 -79.10 -11.20
N ARG A 105 2.83 -78.43 -12.32
CA ARG A 105 2.95 -79.10 -13.62
C ARG A 105 4.12 -80.10 -13.60
N LYS A 106 5.28 -79.69 -13.08
CA LYS A 106 6.44 -80.58 -12.99
C LYS A 106 6.19 -81.74 -12.01
N GLU A 107 5.37 -81.53 -10.97
CA GLU A 107 5.04 -82.57 -10.01
C GLU A 107 4.11 -83.61 -10.62
N LEU A 108 3.09 -83.16 -11.37
CA LEU A 108 2.13 -84.07 -11.97
C LEU A 108 2.70 -84.90 -13.12
N THR A 109 3.85 -84.51 -13.67
CA THR A 109 4.48 -85.22 -14.79
C THR A 109 4.71 -86.70 -14.45
N ALA A 110 4.28 -87.61 -15.33
CA ALA A 110 4.46 -89.03 -15.11
C ALA A 110 5.95 -89.38 -15.02
N GLN A 111 6.77 -88.84 -15.96
CA GLN A 111 8.22 -89.03 -15.96
C GLN A 111 8.79 -87.84 -15.23
N ARG A 112 8.51 -87.78 -13.92
CA ARG A 112 8.88 -86.67 -13.07
C ARG A 112 10.37 -86.53 -12.87
N GLU A 113 10.87 -85.29 -12.94
CA GLU A 113 12.28 -85.00 -12.67
C GLU A 113 12.60 -85.34 -11.21
N ARG A 114 13.78 -85.85 -10.96
CA ARG A 114 14.22 -86.15 -9.60
C ARG A 114 14.44 -84.85 -8.84
N PHE A 115 15.06 -83.85 -9.49
CA PHE A 115 15.34 -82.56 -8.90
C PHE A 115 14.58 -81.45 -9.63
N ILE A 116 13.32 -81.23 -9.23
CA ILE A 116 12.48 -80.21 -9.84
C ILE A 116 13.00 -78.83 -9.40
N THR A 117 13.29 -77.96 -10.37
CA THR A 117 13.76 -76.61 -10.06
C THR A 117 12.66 -75.83 -9.35
N ASP A 118 12.98 -75.32 -8.15
CA ASP A 118 12.02 -74.59 -7.36
C ASP A 118 12.12 -73.09 -7.60
N THR A 119 11.21 -72.56 -8.41
CA THR A 119 11.15 -71.12 -8.70
C THR A 119 10.08 -70.41 -7.86
N ARG A 120 9.47 -71.10 -6.86
CA ARG A 120 8.43 -70.51 -6.05
C ARG A 120 9.03 -69.48 -5.12
N VAL A 121 8.39 -68.30 -5.03
CA VAL A 121 8.87 -67.22 -4.19
C VAL A 121 8.78 -67.68 -2.73
N HIS A 122 9.92 -67.83 -2.07
CA HIS A 122 9.96 -68.34 -0.71
C HIS A 122 9.77 -67.28 0.35
N ALA A 123 10.13 -66.02 0.06
CA ALA A 123 9.95 -64.94 1.03
C ALA A 123 9.68 -63.63 0.31
N ILE A 124 8.84 -62.79 0.90
CA ILE A 124 8.55 -61.46 0.39
C ILE A 124 8.88 -60.47 1.47
N LEU A 125 9.84 -59.57 1.22
CA LEU A 125 10.11 -58.48 2.14
C LEU A 125 9.24 -57.33 1.63
N TYR A 126 8.18 -57.00 2.38
CA TYR A 126 7.25 -55.94 2.02
C TYR A 126 7.64 -54.67 2.74
N PHE A 127 8.05 -53.64 2.01
CA PHE A 127 8.51 -52.39 2.59
C PHE A 127 7.36 -51.42 2.81
N LEU A 128 7.03 -51.17 4.08
CA LEU A 128 6.02 -50.21 4.47
C LEU A 128 6.70 -48.87 4.70
N GLN A 129 6.06 -47.78 4.23
CA GLN A 129 6.62 -46.46 4.43
C GLN A 129 6.55 -46.08 5.91
N PRO A 130 7.59 -45.41 6.47
CA PRO A 130 7.58 -45.06 7.90
C PRO A 130 6.86 -43.73 8.18
N ASN A 131 5.63 -43.61 7.72
CA ASN A 131 4.84 -42.40 7.87
C ASN A 131 3.95 -42.38 9.12
N GLY A 132 3.99 -43.43 9.94
CA GLY A 132 3.17 -43.53 11.14
C GLY A 132 1.68 -43.63 10.92
N LYS A 133 1.26 -43.92 9.68
CA LYS A 133 -0.15 -43.98 9.32
C LYS A 133 -0.63 -45.40 9.09
N GLU A 134 -1.96 -45.58 9.10
CA GLU A 134 -2.57 -46.88 8.84
C GLU A 134 -2.26 -47.34 7.41
N LEU A 135 -2.49 -48.63 7.14
CA LEU A 135 -2.24 -49.18 5.81
C LEU A 135 -3.10 -48.48 4.74
N SER A 136 -2.47 -48.13 3.63
CA SER A 136 -3.14 -47.45 2.54
C SER A 136 -4.01 -48.43 1.73
N ARG A 137 -4.73 -47.91 0.73
CA ARG A 137 -5.56 -48.73 -0.15
C ARG A 137 -4.67 -49.73 -0.92
N LEU A 138 -3.52 -49.24 -1.41
CA LEU A 138 -2.57 -50.08 -2.13
C LEU A 138 -2.01 -51.19 -1.24
N ASP A 139 -1.51 -50.83 -0.06
CA ASP A 139 -0.93 -51.81 0.85
C ASP A 139 -1.95 -52.85 1.30
N VAL A 140 -3.18 -52.42 1.61
CA VAL A 140 -4.22 -53.37 2.02
C VAL A 140 -4.51 -54.37 0.89
N GLU A 141 -4.77 -53.87 -0.33
CA GLU A 141 -5.08 -54.75 -1.46
C GLU A 141 -3.94 -55.72 -1.75
N ALA A 142 -2.70 -55.21 -1.86
CA ALA A 142 -1.56 -56.03 -2.15
C ALA A 142 -1.34 -57.11 -1.07
N LEU A 143 -1.34 -56.72 0.22
CA LEU A 143 -1.13 -57.70 1.29
C LEU A 143 -2.26 -58.72 1.34
N LYS A 144 -3.52 -58.28 1.13
CA LYS A 144 -4.67 -59.21 1.11
C LYS A 144 -4.43 -60.37 0.15
N ARG A 145 -3.96 -60.07 -1.05
CA ARG A 145 -3.72 -61.10 -2.05
C ARG A 145 -2.42 -61.88 -1.82
N LEU A 146 -1.33 -61.19 -1.49
CA LEU A 146 -0.04 -61.83 -1.35
C LEU A 146 0.13 -62.73 -0.14
N THR A 147 -0.39 -62.32 1.02
CA THR A 147 -0.23 -63.09 2.25
C THR A 147 -0.74 -64.53 2.14
N GLU A 148 -1.75 -64.76 1.29
CA GLU A 148 -2.36 -66.07 1.14
C GLU A 148 -1.58 -67.00 0.19
N ILE A 149 -0.59 -66.48 -0.54
CA ILE A 149 0.15 -67.25 -1.55
C ILE A 149 1.67 -67.21 -1.40
N ALA A 150 2.20 -66.48 -0.41
CA ALA A 150 3.63 -66.40 -0.18
C ALA A 150 3.93 -65.92 1.25
N ASN A 151 5.15 -66.21 1.73
CA ASN A 151 5.54 -65.82 3.09
C ASN A 151 5.87 -64.35 3.11
N VAL A 152 4.96 -63.55 3.68
CA VAL A 152 5.15 -62.10 3.72
C VAL A 152 5.81 -61.71 5.03
N ILE A 153 6.95 -61.03 4.92
CA ILE A 153 7.72 -60.55 6.06
C ILE A 153 7.65 -59.02 6.00
N PRO A 154 6.65 -58.40 6.65
CA PRO A 154 6.56 -56.94 6.64
C PRO A 154 7.80 -56.28 7.25
N VAL A 155 8.23 -55.19 6.65
CA VAL A 155 9.43 -54.46 7.03
C VAL A 155 9.15 -52.96 6.92
N ILE A 156 9.68 -52.16 7.85
CA ILE A 156 9.56 -50.70 7.80
C ILE A 156 10.79 -50.20 7.03
N GLY A 157 10.59 -49.77 5.79
CA GLY A 157 11.69 -49.27 4.98
C GLY A 157 12.15 -47.94 5.50
N LYS A 158 13.49 -47.74 5.58
CA LYS A 158 14.10 -46.53 6.14
C LYS A 158 13.55 -46.25 7.54
N SER A 159 13.61 -47.26 8.41
CA SER A 159 13.07 -47.12 9.77
C SER A 159 13.74 -46.04 10.60
N ASP A 160 14.93 -45.59 10.20
CA ASP A 160 15.63 -44.52 10.90
C ASP A 160 14.92 -43.15 10.86
N THR A 161 13.78 -43.05 10.15
CA THR A 161 12.98 -41.83 10.17
C THR A 161 12.28 -41.71 11.53
N LEU A 162 11.92 -42.84 12.14
CA LEU A 162 11.17 -42.87 13.37
C LEU A 162 12.06 -42.85 14.60
N THR A 163 11.62 -42.11 15.62
CA THR A 163 12.26 -42.18 16.93
C THR A 163 11.82 -43.53 17.54
N LEU A 164 12.42 -43.96 18.67
CA LEU A 164 12.05 -45.24 19.26
C LEU A 164 10.58 -45.27 19.68
N ASP A 165 10.06 -44.15 20.21
CA ASP A 165 8.65 -44.05 20.57
C ASP A 165 7.77 -44.10 19.32
N GLU A 166 8.14 -43.38 18.26
CA GLU A 166 7.38 -43.41 17.01
C GLU A 166 7.41 -44.81 16.40
N ARG A 167 8.55 -45.49 16.48
CA ARG A 167 8.68 -46.87 15.99
C ARG A 167 7.74 -47.79 16.76
N THR A 168 7.73 -47.70 18.09
CA THR A 168 6.85 -48.54 18.92
C THR A 168 5.38 -48.31 18.56
N GLU A 169 4.96 -47.04 18.49
CA GLU A 169 3.58 -46.70 18.16
C GLU A 169 3.21 -47.19 16.76
N PHE A 170 4.10 -47.00 15.77
CA PHE A 170 3.81 -47.43 14.40
C PHE A 170 3.78 -48.94 14.27
N ARG A 171 4.65 -49.65 14.98
CA ARG A 171 4.66 -51.10 14.93
C ARG A 171 3.38 -51.64 15.57
N GLU A 172 2.91 -51.04 16.68
CA GLU A 172 1.68 -51.46 17.32
C GLU A 172 0.50 -51.22 16.36
N LEU A 173 0.48 -50.08 15.68
CA LEU A 173 -0.56 -49.77 14.71
C LEU A 173 -0.57 -50.78 13.57
N ILE A 174 0.60 -51.14 13.04
CA ILE A 174 0.68 -52.07 11.92
C ILE A 174 0.25 -53.47 12.34
N GLN A 175 0.64 -53.91 13.53
CA GLN A 175 0.21 -55.22 14.05
C GLN A 175 -1.31 -55.23 14.24
N ASN A 176 -1.89 -54.11 14.70
CA ASN A 176 -3.34 -54.00 14.83
C ASN A 176 -4.02 -54.04 13.47
N GLU A 177 -3.40 -53.44 12.45
CA GLU A 177 -3.94 -53.48 11.09
C GLU A 177 -3.93 -54.91 10.57
N PHE A 178 -2.86 -55.67 10.84
CA PHE A 178 -2.79 -57.06 10.41
C PHE A 178 -3.88 -57.89 11.08
N GLU A 179 -4.07 -57.73 12.39
CA GLU A 179 -5.14 -58.42 13.12
C GLU A 179 -6.52 -58.01 12.55
N LYS A 180 -6.72 -56.72 12.29
CA LYS A 180 -7.95 -56.19 11.72
C LYS A 180 -8.30 -56.86 10.40
N TYR A 181 -7.34 -56.93 9.46
CA TYR A 181 -7.56 -57.52 8.15
C TYR A 181 -7.35 -59.02 8.08
N ASN A 182 -7.00 -59.68 9.21
CA ASN A 182 -6.79 -61.12 9.28
C ASN A 182 -5.73 -61.58 8.29
N PHE A 183 -4.65 -60.80 8.18
CA PHE A 183 -3.56 -61.15 7.29
C PHE A 183 -2.70 -62.22 7.91
N LYS A 184 -2.23 -63.17 7.08
CA LYS A 184 -1.31 -64.18 7.55
C LYS A 184 0.07 -63.55 7.43
N ILE A 185 0.76 -63.40 8.55
CA ILE A 185 2.08 -62.80 8.55
C ILE A 185 3.07 -63.84 9.02
N TYR A 186 4.20 -63.97 8.31
CA TYR A 186 5.23 -64.91 8.68
C TYR A 186 6.00 -64.36 9.92
N PRO A 187 6.45 -65.18 10.89
CA PRO A 187 6.39 -66.64 10.97
C PRO A 187 5.06 -67.22 11.44
N TYR A 188 4.70 -68.40 10.95
CA TYR A 188 3.46 -69.07 11.32
C TYR A 188 3.74 -70.10 12.40
N ASP A 189 2.72 -70.42 13.19
CA ASP A 189 2.82 -71.43 14.23
C ASP A 189 1.95 -72.62 13.88
N SER A 190 2.40 -73.81 14.26
CA SER A 190 1.66 -75.04 14.04
C SER A 190 1.79 -75.94 15.27
N GLU A 191 0.88 -76.91 15.41
CA GLU A 191 0.88 -77.85 16.52
C GLU A 191 2.16 -78.70 16.59
N GLU A 192 2.89 -78.85 15.46
CA GLU A 192 4.12 -79.64 15.43
C GLU A 192 5.36 -78.89 15.95
N LEU A 193 5.20 -77.68 16.52
CA LEU A 193 6.33 -76.89 17.00
C LEU A 193 6.53 -77.08 18.49
N THR A 194 7.77 -76.94 18.92
CA THR A 194 8.12 -77.09 20.33
C THR A 194 7.80 -75.77 21.06
N ASP A 195 7.75 -75.82 22.39
CA ASP A 195 7.49 -74.62 23.19
C ASP A 195 8.58 -73.56 22.99
N GLU A 196 9.84 -73.99 22.76
CA GLU A 196 10.94 -73.06 22.52
C GLU A 196 10.79 -72.39 21.16
N GLU A 197 10.39 -73.16 20.13
CA GLU A 197 10.18 -72.61 18.79
C GLU A 197 9.01 -71.63 18.78
N LEU A 198 7.95 -71.93 19.54
CA LEU A 198 6.80 -71.01 19.63
C LEU A 198 7.24 -69.73 20.33
N GLU A 199 8.07 -69.82 21.37
CA GLU A 199 8.59 -68.64 22.06
C GLU A 199 9.43 -67.78 21.09
N LEU A 200 10.30 -68.41 20.30
CA LEU A 200 11.13 -67.68 19.35
C LEU A 200 10.26 -66.98 18.31
N ASN A 201 9.23 -67.67 17.79
CA ASN A 201 8.30 -67.05 16.85
C ASN A 201 7.54 -65.89 17.49
N ARG A 202 7.19 -66.01 18.77
CA ARG A 202 6.50 -64.96 19.51
C ARG A 202 7.36 -63.68 19.59
N SER A 203 8.65 -63.83 19.93
CA SER A 203 9.57 -62.69 20.03
C SER A 203 9.82 -62.08 18.67
N VAL A 204 10.10 -62.92 17.65
CA VAL A 204 10.29 -62.48 16.26
C VAL A 204 9.05 -61.65 15.81
N ARG A 205 7.86 -62.20 16.03
CA ARG A 205 6.59 -61.58 15.69
C ARG A 205 6.40 -60.26 16.44
N SER A 206 6.87 -60.17 17.69
CA SER A 206 6.78 -58.93 18.46
C SER A 206 7.54 -57.80 17.78
N ILE A 207 8.68 -58.08 17.13
CA ILE A 207 9.45 -57.04 16.45
C ILE A 207 9.14 -56.98 14.93
N ILE A 208 8.01 -57.54 14.48
CA ILE A 208 7.59 -57.50 13.09
C ILE A 208 6.43 -56.47 12.97
N PRO A 209 6.47 -55.52 12.02
CA PRO A 209 7.47 -55.30 10.96
C PRO A 209 8.84 -54.86 11.48
N PHE A 210 9.91 -55.37 10.87
CA PHE A 210 11.26 -55.04 11.31
C PHE A 210 11.62 -53.61 11.02
N ALA A 211 12.23 -52.94 11.99
CA ALA A 211 12.70 -51.57 11.82
C ALA A 211 14.09 -51.68 11.22
N VAL A 212 14.16 -51.90 9.92
CA VAL A 212 15.45 -52.10 9.24
C VAL A 212 16.07 -50.79 8.78
N VAL A 213 17.40 -50.80 8.74
CA VAL A 213 18.20 -49.72 8.16
C VAL A 213 19.31 -50.43 7.39
N GLY A 214 19.51 -50.07 6.13
CA GLY A 214 20.52 -50.70 5.30
C GLY A 214 21.61 -49.76 4.85
N SER A 215 22.78 -50.33 4.57
CA SER A 215 23.92 -49.58 4.04
C SER A 215 24.94 -50.52 3.45
N GLU A 216 25.46 -50.17 2.29
CA GLU A 216 26.54 -50.92 1.64
C GLU A 216 27.90 -50.23 1.82
N ASN A 217 27.96 -49.06 2.53
CA ASN A 217 29.16 -48.27 2.73
C ASN A 217 29.61 -48.30 4.19
N GLU A 218 30.92 -48.19 4.40
CA GLU A 218 31.51 -48.21 5.72
C GLU A 218 31.71 -46.82 6.27
N ILE A 219 31.60 -46.68 7.59
CA ILE A 219 31.79 -45.42 8.30
C ILE A 219 32.82 -45.63 9.42
N GLU A 220 33.42 -44.52 9.88
CA GLU A 220 34.44 -44.55 10.93
C GLU A 220 33.99 -43.68 12.09
N ILE A 221 33.98 -44.26 13.30
CA ILE A 221 33.59 -43.56 14.53
C ILE A 221 34.61 -43.96 15.59
N ASN A 222 35.33 -42.99 16.15
CA ASN A 222 36.36 -43.23 17.16
C ASN A 222 37.41 -44.23 16.68
N GLY A 223 37.77 -44.15 15.41
CA GLY A 223 38.74 -45.06 14.80
C GLY A 223 38.24 -46.49 14.62
N GLU A 224 36.93 -46.73 14.80
CA GLU A 224 36.36 -48.05 14.63
C GLU A 224 35.49 -48.02 13.38
N THR A 225 35.62 -49.04 12.54
CA THR A 225 34.87 -49.11 11.30
C THR A 225 33.60 -49.89 11.52
N PHE A 226 32.48 -49.35 11.02
CA PHE A 226 31.17 -49.97 11.11
C PHE A 226 30.53 -49.97 9.73
N ARG A 227 29.52 -50.80 9.55
CA ARG A 227 28.71 -50.79 8.35
C ARG A 227 27.49 -49.95 8.73
N GLY A 228 27.35 -48.79 8.13
CA GLY A 228 26.23 -47.91 8.44
C GLY A 228 26.24 -46.61 7.68
N ARG A 229 25.66 -45.56 8.28
CA ARG A 229 25.54 -44.25 7.64
C ARG A 229 25.97 -43.14 8.59
N LYS A 230 26.70 -42.15 8.07
CA LYS A 230 27.14 -41.02 8.86
C LYS A 230 26.70 -39.74 8.17
N THR A 231 26.14 -38.80 8.93
CA THR A 231 25.62 -37.55 8.40
C THR A 231 26.07 -36.37 9.27
N ARG A 232 25.72 -35.14 8.84
CA ARG A 232 25.95 -33.90 9.56
C ARG A 232 25.52 -33.98 11.04
N TRP A 233 24.58 -34.87 11.39
CA TRP A 233 24.09 -34.98 12.77
C TRP A 233 24.03 -36.40 13.34
N SER A 234 24.01 -37.44 12.50
CA SER A 234 23.82 -38.82 12.94
C SER A 234 24.98 -39.76 12.65
N ALA A 235 24.95 -40.93 13.28
CA ALA A 235 25.88 -42.02 13.02
C ALA A 235 25.14 -43.33 13.33
N ILE A 236 24.67 -44.02 12.29
CA ILE A 236 23.95 -45.28 12.43
C ILE A 236 24.92 -46.43 12.16
N ASN A 237 24.92 -47.44 13.04
CA ASN A 237 25.64 -48.69 12.87
C ASN A 237 24.53 -49.73 12.64
N VAL A 238 24.37 -50.15 11.40
CA VAL A 238 23.31 -51.09 11.00
C VAL A 238 23.36 -52.41 11.79
N GLU A 239 24.56 -52.87 12.13
CA GLU A 239 24.70 -54.12 12.90
C GLU A 239 24.56 -53.92 14.42
N ASP A 240 24.00 -52.77 14.86
CA ASP A 240 23.76 -52.49 16.27
C ASP A 240 22.27 -52.75 16.53
N ILE A 241 21.98 -53.84 17.25
CA ILE A 241 20.61 -54.23 17.60
C ILE A 241 19.85 -53.13 18.38
N ASN A 242 20.56 -52.20 19.03
CA ASN A 242 19.91 -51.12 19.76
C ASN A 242 19.75 -49.83 18.93
N GLN A 243 19.78 -49.96 17.59
CA GLN A 243 19.56 -48.87 16.65
C GLN A 243 18.56 -49.32 15.58
N CYS A 244 18.68 -50.55 15.09
CA CYS A 244 17.74 -51.10 14.12
C CYS A 244 17.67 -52.62 14.25
N ASP A 245 16.67 -53.23 13.62
CA ASP A 245 16.47 -54.67 13.66
C ASP A 245 17.08 -55.40 12.47
N PHE A 246 18.12 -54.84 11.83
CA PHE A 246 18.77 -55.51 10.70
C PHE A 246 19.34 -56.87 11.10
N VAL A 247 20.04 -56.94 12.24
CA VAL A 247 20.64 -58.18 12.73
C VAL A 247 19.54 -59.22 12.95
N TYR A 248 18.41 -58.80 13.51
CA TYR A 248 17.30 -59.70 13.77
C TYR A 248 16.70 -60.25 12.48
N LEU A 249 16.49 -59.40 11.46
CA LEU A 249 15.96 -59.87 10.18
C LEU A 249 16.96 -60.80 9.49
N ARG A 250 18.27 -60.49 9.58
CA ARG A 250 19.29 -61.32 8.95
C ARG A 250 19.30 -62.71 9.59
N GLU A 251 19.25 -62.77 10.92
CA GLU A 251 19.21 -64.05 11.63
C GLU A 251 17.92 -64.81 11.27
N PHE A 252 16.81 -64.10 11.24
CA PHE A 252 15.52 -64.69 10.91
C PHE A 252 15.52 -65.32 9.50
N LEU A 253 16.03 -64.60 8.53
CA LEU A 253 15.96 -64.99 7.13
C LEU A 253 16.99 -66.01 6.69
N ILE A 254 18.24 -65.88 7.14
CA ILE A 254 19.31 -66.74 6.65
C ILE A 254 19.69 -67.87 7.61
N ARG A 255 19.28 -67.82 8.90
CA ARG A 255 19.72 -68.84 9.86
C ARG A 255 18.60 -69.63 10.53
N THR A 256 17.64 -68.94 11.17
CA THR A 256 16.62 -69.62 11.94
C THR A 256 15.45 -70.13 11.11
N HIS A 257 14.91 -69.29 10.22
CA HIS A 257 13.73 -69.65 9.45
C HIS A 257 13.94 -69.83 7.98
N LEU A 258 15.18 -69.92 7.47
CA LEU A 258 15.38 -70.14 6.03
C LEU A 258 14.74 -71.47 5.60
N GLN A 259 15.04 -72.57 6.32
CA GLN A 259 14.47 -73.87 6.04
C GLN A 259 12.97 -73.86 6.23
N ASP A 260 12.48 -73.24 7.31
CA ASP A 260 11.05 -73.14 7.55
C ASP A 260 10.35 -72.30 6.49
N LEU A 261 11.02 -71.29 5.92
CA LEU A 261 10.43 -70.45 4.89
C LEU A 261 10.19 -71.28 3.64
N ILE A 262 11.20 -72.05 3.20
CA ILE A 262 11.06 -72.94 2.04
C ILE A 262 9.99 -74.01 2.35
N GLU A 263 10.00 -74.53 3.57
CA GLU A 263 9.08 -75.57 4.02
C GLU A 263 7.62 -75.07 3.97
N THR A 264 7.33 -73.89 4.54
CA THR A 264 5.99 -73.31 4.54
C THR A 264 5.55 -72.91 3.14
N THR A 265 6.49 -72.49 2.27
CA THR A 265 6.15 -72.19 0.88
C THR A 265 5.61 -73.44 0.19
N SER A 266 6.25 -74.59 0.43
CA SER A 266 5.82 -75.85 -0.16
C SER A 266 4.55 -76.40 0.49
N TYR A 267 4.52 -76.51 1.83
CA TYR A 267 3.43 -77.17 2.55
C TYR A 267 2.20 -76.34 2.83
N ILE A 268 2.27 -75.01 2.76
CA ILE A 268 1.12 -74.16 3.06
C ILE A 268 0.60 -73.44 1.79
N HIS A 269 1.44 -72.63 1.15
CA HIS A 269 1.02 -71.81 0.02
C HIS A 269 0.83 -72.63 -1.24
N TYR A 270 1.84 -73.43 -1.59
CA TYR A 270 1.77 -74.27 -2.77
C TYR A 270 0.64 -75.30 -2.63
N GLU A 271 0.46 -75.88 -1.44
CA GLU A 271 -0.59 -76.88 -1.24
C GLU A 271 -1.98 -76.27 -1.40
N GLY A 272 -2.19 -75.07 -0.85
CA GLY A 272 -3.46 -74.36 -0.99
C GLY A 272 -3.74 -74.03 -2.44
N PHE A 273 -2.71 -73.54 -3.16
CA PHE A 273 -2.81 -73.27 -4.59
C PHE A 273 -3.22 -74.53 -5.36
N ARG A 274 -2.51 -75.64 -5.11
CA ARG A 274 -2.76 -76.92 -5.77
C ARG A 274 -4.17 -77.40 -5.51
N ALA A 275 -4.61 -77.39 -4.24
CA ALA A 275 -5.94 -77.85 -3.89
C ALA A 275 -7.02 -77.03 -4.62
N ARG A 276 -6.90 -75.69 -4.63
CA ARG A 276 -7.87 -74.85 -5.31
C ARG A 276 -7.89 -75.14 -6.81
N GLN A 277 -6.71 -75.24 -7.43
CA GLN A 277 -6.59 -75.46 -8.85
C GLN A 277 -7.15 -76.82 -9.28
N LEU A 278 -6.97 -77.86 -8.45
CA LEU A 278 -7.47 -79.20 -8.78
C LEU A 278 -8.97 -79.31 -8.53
N ILE A 279 -9.46 -78.72 -7.43
CA ILE A 279 -10.91 -78.67 -7.13
C ILE A 279 -11.64 -77.99 -8.32
N ALA A 280 -11.02 -76.95 -8.91
CA ALA A 280 -11.61 -76.22 -10.02
C ALA A 280 -11.64 -77.02 -11.32
N LEU A 281 -10.57 -77.77 -11.62
CA LEU A 281 -10.51 -78.54 -12.87
C LEU A 281 -11.19 -79.89 -12.72
N PHE B 13 6.94 13.05 -16.63
CA PHE B 13 7.59 13.45 -15.38
C PHE B 13 9.04 13.81 -15.62
N ILE B 14 9.43 15.05 -15.24
CA ILE B 14 10.80 15.53 -15.41
C ILE B 14 11.51 15.55 -14.06
N ARG B 15 12.67 14.90 -13.97
CA ARG B 15 13.42 14.85 -12.72
C ARG B 15 13.92 16.23 -12.33
N ARG B 16 13.59 16.68 -11.11
CA ARG B 16 14.00 17.98 -10.60
C ARG B 16 14.88 17.81 -9.38
N GLN B 17 15.97 18.58 -9.30
CA GLN B 17 16.86 18.55 -8.14
C GLN B 17 16.20 19.38 -7.05
N ILE B 18 16.06 18.79 -5.86
CA ILE B 18 15.43 19.45 -4.72
C ILE B 18 16.57 19.83 -3.74
N ASN B 19 16.52 21.05 -3.22
CA ASN B 19 17.54 21.56 -2.31
C ASN B 19 17.12 21.29 -0.88
N GLY B 20 18.00 20.73 -0.08
CA GLY B 20 17.69 20.43 1.31
C GLY B 20 16.88 19.16 1.48
N TYR B 21 15.94 19.18 2.44
CA TYR B 21 15.12 18.02 2.79
C TYR B 21 13.67 18.46 2.93
N VAL B 22 12.77 17.87 2.12
CA VAL B 22 11.35 18.22 2.13
C VAL B 22 10.58 17.27 3.05
N GLY B 23 10.90 15.99 3.00
CA GLY B 23 10.29 15.00 3.87
C GLY B 23 9.29 14.05 3.25
N PHE B 24 9.19 13.99 1.91
CA PHE B 24 8.30 13.03 1.26
C PHE B 24 8.86 11.59 1.39
N ALA B 25 10.19 11.42 1.62
CA ALA B 25 10.80 10.11 1.87
C ALA B 25 10.24 9.44 3.14
N ASN B 26 9.40 10.13 3.94
CA ASN B 26 8.75 9.53 5.09
C ASN B 26 7.53 8.69 4.70
N LEU B 27 7.14 8.62 3.40
CA LEU B 27 5.99 7.82 2.99
C LEU B 27 6.18 6.34 3.37
N PRO B 28 7.35 5.69 3.13
CA PRO B 28 7.52 4.32 3.61
C PRO B 28 7.37 4.20 5.12
N LYS B 29 7.90 5.15 5.90
CA LYS B 29 7.76 5.15 7.38
C LYS B 29 6.29 5.18 7.77
N GLN B 30 5.47 5.96 7.06
CA GLN B 30 4.02 6.03 7.32
C GLN B 30 3.41 4.65 7.07
N TRP B 31 3.74 4.02 5.94
CA TRP B 31 3.31 2.66 5.64
C TRP B 31 3.75 1.67 6.72
N HIS B 32 4.94 1.87 7.28
CA HIS B 32 5.46 1.05 8.37
C HIS B 32 4.61 1.22 9.62
N ARG B 33 4.23 2.46 9.98
CA ARG B 33 3.44 2.72 11.18
C ARG B 33 2.03 2.15 11.04
N ARG B 34 1.34 2.48 9.95
CA ARG B 34 -0.01 1.99 9.66
C ARG B 34 -0.03 0.46 9.62
N SER B 35 0.97 -0.15 8.96
CA SER B 35 1.05 -1.62 8.91
C SER B 35 1.14 -2.24 10.32
N ILE B 36 1.64 -1.52 11.31
CA ILE B 36 1.68 -2.01 12.69
C ILE B 36 0.28 -1.87 13.31
N LYS B 37 -0.38 -0.70 13.14
CA LYS B 37 -1.72 -0.44 13.66
C LYS B 37 -2.69 -1.51 13.15
N ASN B 38 -2.82 -1.62 11.82
CA ASN B 38 -3.63 -2.68 11.20
C ASN B 38 -2.71 -3.91 11.15
N GLY B 39 -3.28 -5.08 11.32
CA GLY B 39 -2.50 -6.31 11.30
C GLY B 39 -2.06 -6.76 9.92
N PHE B 40 -1.33 -7.88 9.89
CA PHE B 40 -0.92 -8.55 8.66
C PHE B 40 -1.71 -9.84 8.54
N SER B 41 -1.91 -10.30 7.30
CA SER B 41 -2.65 -11.52 7.05
C SER B 41 -1.86 -12.41 6.09
N PHE B 42 -1.91 -13.74 6.28
CA PHE B 42 -1.21 -14.66 5.39
C PHE B 42 -1.99 -15.94 5.20
N ASN B 43 -1.88 -16.52 4.01
CA ASN B 43 -2.57 -17.74 3.61
C ASN B 43 -1.53 -18.71 3.05
N LEU B 44 -1.40 -19.86 3.71
CA LEU B 44 -0.38 -20.85 3.37
C LEU B 44 -1.02 -22.20 3.14
N LEU B 45 -0.83 -22.76 1.94
CA LEU B 45 -1.35 -24.06 1.55
C LEU B 45 -0.27 -25.11 1.69
N CYS B 46 -0.60 -26.25 2.30
CA CYS B 46 0.33 -27.33 2.53
C CYS B 46 -0.14 -28.53 1.75
N VAL B 47 0.63 -28.94 0.73
CA VAL B 47 0.31 -30.08 -0.09
C VAL B 47 1.38 -31.14 0.19
N GLY B 48 0.93 -32.33 0.51
CA GLY B 48 1.85 -33.43 0.77
C GLY B 48 1.12 -34.69 1.18
N PRO B 49 1.76 -35.87 1.06
CA PRO B 49 1.07 -37.09 1.49
C PRO B 49 0.88 -37.12 3.01
N ASP B 50 -0.17 -37.80 3.47
CA ASP B 50 -0.43 -37.89 4.91
C ASP B 50 0.74 -38.54 5.66
N GLY B 51 1.07 -37.96 6.81
CA GLY B 51 2.17 -38.43 7.64
C GLY B 51 3.52 -37.86 7.25
N ILE B 52 3.57 -36.96 6.25
CA ILE B 52 4.83 -36.37 5.78
C ILE B 52 5.40 -35.27 6.72
N GLY B 53 4.61 -34.83 7.70
CA GLY B 53 5.03 -33.84 8.66
C GLY B 53 4.59 -32.42 8.36
N LYS B 54 3.46 -32.24 7.68
CA LYS B 54 2.94 -30.91 7.36
C LYS B 54 2.54 -30.19 8.66
N THR B 55 1.74 -30.85 9.50
CA THR B 55 1.26 -30.25 10.74
C THR B 55 2.40 -29.93 11.71
N THR B 56 3.39 -30.83 11.81
CA THR B 56 4.53 -30.60 12.70
C THR B 56 5.34 -29.41 12.22
N LEU B 57 5.55 -29.28 10.90
CA LEU B 57 6.30 -28.15 10.37
C LEU B 57 5.58 -26.84 10.64
N MET B 58 4.24 -26.83 10.60
CA MET B 58 3.49 -25.61 10.88
C MET B 58 3.62 -25.24 12.34
N LYS B 59 3.58 -26.23 13.23
CA LYS B 59 3.77 -25.98 14.66
C LYS B 59 5.17 -25.39 14.92
N THR B 60 6.17 -25.89 14.20
CA THR B 60 7.55 -25.47 14.37
C THR B 60 7.79 -24.06 13.82
N LEU B 61 7.31 -23.77 12.61
CA LEU B 61 7.50 -22.47 12.00
C LEU B 61 6.93 -21.34 12.84
N PHE B 62 5.73 -21.55 13.40
CA PHE B 62 5.05 -20.53 14.17
C PHE B 62 5.10 -20.72 15.68
N ASN B 63 5.99 -21.59 16.20
CA ASN B 63 6.17 -21.83 17.64
C ASN B 63 4.84 -21.96 18.39
N ASN B 64 3.90 -22.69 17.80
CA ASN B 64 2.56 -22.81 18.34
C ASN B 64 2.00 -24.19 18.05
N ASP B 65 1.77 -24.97 19.10
CA ASP B 65 1.22 -26.30 18.95
C ASP B 65 -0.27 -26.30 18.59
N ASP B 66 -1.00 -25.21 18.85
CA ASP B 66 -2.42 -25.09 18.51
C ASP B 66 -2.60 -24.40 17.15
N ILE B 67 -1.68 -24.61 16.21
CA ILE B 67 -1.73 -23.96 14.91
C ILE B 67 -2.91 -24.48 14.07
N GLU B 68 -3.24 -25.77 14.21
CA GLU B 68 -4.36 -26.37 13.50
C GLU B 68 -5.43 -26.81 14.49
N ALA B 69 -5.70 -25.98 15.51
CA ALA B 69 -6.70 -26.26 16.54
C ALA B 69 -8.05 -25.61 16.29
N ASN B 70 -8.16 -24.67 15.32
CA ASN B 70 -9.41 -24.00 15.00
C ASN B 70 -9.79 -24.32 13.56
N LEU B 71 -10.52 -25.43 13.35
CA LEU B 71 -10.93 -25.82 12.01
C LEU B 71 -12.14 -24.98 11.60
N VAL B 72 -11.98 -24.20 10.52
CA VAL B 72 -13.05 -23.37 9.97
C VAL B 72 -13.66 -24.07 8.76
N LYS B 73 -14.97 -23.90 8.56
CA LYS B 73 -15.70 -24.51 7.45
C LYS B 73 -15.07 -24.20 6.08
N GLN B 100 -17.23 -44.40 -1.32
CA GLN B 100 -15.99 -44.12 -0.58
C GLN B 100 -15.33 -42.83 -1.09
N ARG B 101 -14.37 -42.31 -0.31
CA ARG B 101 -13.67 -41.09 -0.68
C ARG B 101 -12.70 -41.33 -1.83
N HIS B 102 -12.85 -40.60 -2.94
CA HIS B 102 -11.97 -40.68 -4.10
C HIS B 102 -11.32 -39.32 -4.45
N LYS B 103 -11.40 -38.32 -3.57
CA LYS B 103 -10.80 -37.02 -3.78
C LYS B 103 -10.25 -36.46 -2.48
N VAL B 104 -9.21 -35.66 -2.59
CA VAL B 104 -8.53 -35.03 -1.45
C VAL B 104 -9.50 -34.17 -0.64
N LYS B 105 -9.29 -34.16 0.69
CA LYS B 105 -10.07 -33.35 1.62
C LYS B 105 -9.20 -32.17 2.06
N ILE B 106 -9.76 -30.96 1.98
CA ILE B 106 -9.05 -29.73 2.38
C ILE B 106 -9.47 -29.39 3.81
N LYS B 107 -8.50 -28.97 4.62
CA LYS B 107 -8.72 -28.61 6.01
C LYS B 107 -8.20 -27.20 6.23
N SER B 108 -9.09 -26.23 6.47
CA SER B 108 -8.70 -24.84 6.68
C SER B 108 -8.67 -24.51 8.18
N TYR B 109 -7.57 -23.90 8.64
CA TYR B 109 -7.38 -23.54 10.04
C TYR B 109 -7.01 -22.07 10.15
N GLU B 110 -7.54 -21.38 11.15
CA GLU B 110 -7.26 -19.96 11.37
C GLU B 110 -6.58 -19.75 12.71
N SER B 111 -5.58 -18.88 12.74
CA SER B 111 -4.81 -18.59 13.94
C SER B 111 -4.37 -17.13 13.95
N VAL B 112 -3.98 -16.63 15.13
CA VAL B 112 -3.51 -15.27 15.33
C VAL B 112 -2.19 -15.35 16.09
N ILE B 113 -1.10 -14.84 15.48
CA ILE B 113 0.23 -14.85 16.08
C ILE B 113 0.61 -13.42 16.44
N GLU B 114 0.93 -13.17 17.71
CA GLU B 114 1.29 -11.84 18.18
C GLU B 114 2.75 -11.84 18.61
N GLU B 115 3.52 -10.82 18.18
CA GLU B 115 4.93 -10.71 18.53
C GLU B 115 5.40 -9.27 18.44
N ASN B 116 5.80 -8.68 19.59
CA ASN B 116 6.29 -7.30 19.68
C ASN B 116 5.30 -6.32 19.06
N GLY B 117 4.02 -6.50 19.36
CA GLY B 117 2.97 -5.61 18.88
C GLY B 117 2.49 -5.81 17.46
N VAL B 118 3.10 -6.76 16.72
CA VAL B 118 2.71 -7.04 15.34
C VAL B 118 1.88 -8.31 15.36
N LYS B 119 0.69 -8.27 14.72
CA LYS B 119 -0.20 -9.42 14.68
C LYS B 119 -0.33 -9.98 13.27
N LEU B 120 -0.36 -11.32 13.18
CA LEU B 120 -0.54 -12.00 11.93
C LEU B 120 -1.75 -12.91 12.01
N ASN B 121 -2.71 -12.72 11.10
CA ASN B 121 -3.87 -13.58 10.96
C ASN B 121 -3.47 -14.62 9.94
N LEU B 122 -3.10 -15.80 10.42
CA LEU B 122 -2.64 -16.87 9.57
C LEU B 122 -3.77 -17.82 9.25
N ASN B 123 -3.87 -18.23 7.99
CA ASN B 123 -4.83 -19.21 7.55
C ASN B 123 -4.03 -20.32 6.86
N VAL B 124 -4.02 -21.50 7.47
CA VAL B 124 -3.31 -22.66 6.95
C VAL B 124 -4.31 -23.60 6.31
N ILE B 125 -4.12 -23.87 5.01
CA ILE B 125 -4.91 -24.85 4.27
C ILE B 125 -4.03 -26.08 4.27
N ASP B 126 -4.59 -27.24 4.58
CA ASP B 126 -3.80 -28.45 4.70
C ASP B 126 -4.53 -29.60 4.04
N THR B 127 -3.85 -30.31 3.16
CA THR B 127 -4.46 -31.42 2.43
C THR B 127 -4.54 -32.67 3.29
N GLU B 128 -5.48 -33.54 2.96
CA GLU B 128 -5.67 -34.81 3.64
C GLU B 128 -6.10 -35.83 2.60
N GLY B 129 -5.30 -36.87 2.43
CA GLY B 129 -5.56 -37.91 1.45
C GLY B 129 -4.72 -37.80 0.18
N PHE B 130 -3.93 -36.72 0.03
CA PHE B 130 -3.11 -36.53 -1.17
C PHE B 130 -2.11 -37.69 -1.38
N GLY B 131 -2.22 -38.35 -2.53
CA GLY B 131 -1.32 -39.45 -2.88
C GLY B 131 -1.67 -40.80 -2.29
N ASP B 132 -2.73 -40.90 -1.47
CA ASP B 132 -3.14 -42.17 -0.86
C ASP B 132 -4.25 -42.88 -1.61
N PHE B 133 -4.73 -42.35 -2.73
CA PHE B 133 -5.76 -43.03 -3.52
C PHE B 133 -5.05 -44.00 -4.45
N LEU B 134 -5.72 -45.09 -4.82
CA LEU B 134 -5.13 -46.05 -5.77
C LEU B 134 -4.82 -45.35 -7.10
N ASN B 135 -5.75 -44.47 -7.55
CA ASN B 135 -5.55 -43.64 -8.71
C ASN B 135 -5.50 -42.19 -8.27
N ASN B 136 -4.29 -41.60 -8.29
CA ASN B 136 -4.06 -40.21 -7.92
C ASN B 136 -4.09 -39.32 -9.15
N ASP B 137 -5.12 -39.47 -9.98
CA ASP B 137 -5.28 -38.64 -11.18
C ASP B 137 -5.63 -37.18 -10.78
N GLN B 138 -5.84 -36.27 -11.77
CA GLN B 138 -6.20 -34.89 -11.46
C GLN B 138 -7.46 -34.81 -10.62
N LYS B 139 -8.53 -35.55 -10.98
CA LYS B 139 -9.78 -35.50 -10.23
C LYS B 139 -9.59 -35.71 -8.73
N SER B 140 -8.58 -36.51 -8.34
CA SER B 140 -8.31 -36.76 -6.94
C SER B 140 -7.82 -35.50 -6.21
N TRP B 141 -6.84 -34.80 -6.78
CA TRP B 141 -6.25 -33.61 -6.15
C TRP B 141 -6.81 -32.28 -6.68
N ASP B 142 -7.89 -32.32 -7.48
CA ASP B 142 -8.52 -31.10 -7.99
C ASP B 142 -9.10 -30.20 -6.89
N PRO B 143 -9.61 -30.73 -5.75
CA PRO B 143 -10.09 -29.84 -4.67
C PRO B 143 -9.09 -28.75 -4.25
N ILE B 144 -7.78 -29.01 -4.36
CA ILE B 144 -6.77 -28.01 -4.02
C ILE B 144 -6.86 -26.84 -5.00
N ILE B 145 -6.89 -27.15 -6.30
CA ILE B 145 -6.96 -26.13 -7.35
C ILE B 145 -8.32 -25.40 -7.25
N LYS B 146 -9.38 -26.13 -6.91
CA LYS B 146 -10.70 -25.55 -6.73
C LYS B 146 -10.72 -24.57 -5.55
N GLU B 147 -10.04 -24.89 -4.45
CA GLU B 147 -9.94 -23.99 -3.30
C GLU B 147 -9.23 -22.70 -3.74
N ILE B 148 -8.13 -22.83 -4.47
CA ILE B 148 -7.39 -21.66 -4.98
C ILE B 148 -8.28 -20.79 -5.87
N ASP B 149 -8.94 -21.43 -6.87
CA ASP B 149 -9.80 -20.70 -7.77
C ASP B 149 -10.97 -20.06 -7.05
N SER B 150 -11.53 -20.71 -6.03
CA SER B 150 -12.65 -20.16 -5.28
C SER B 150 -12.23 -18.93 -4.47
N ARG B 151 -10.99 -18.91 -3.97
CA ARG B 151 -10.50 -17.74 -3.23
C ARG B 151 -10.27 -16.59 -4.19
N PHE B 152 -9.70 -16.87 -5.37
CA PHE B 152 -9.54 -15.84 -6.39
C PHE B 152 -10.91 -15.33 -6.85
N ASP B 153 -11.88 -16.23 -6.99
CA ASP B 153 -13.24 -15.87 -7.40
C ASP B 153 -13.92 -14.99 -6.37
N GLN B 154 -13.75 -15.28 -5.07
CA GLN B 154 -14.34 -14.46 -4.01
C GLN B 154 -13.76 -13.04 -4.06
N TYR B 155 -12.44 -12.93 -4.24
CA TYR B 155 -11.80 -11.61 -4.34
C TYR B 155 -12.31 -10.86 -5.55
N LEU B 156 -12.39 -11.54 -6.71
CA LEU B 156 -12.88 -10.92 -7.93
C LEU B 156 -14.33 -10.48 -7.79
N ASP B 157 -15.19 -11.29 -7.18
CA ASP B 157 -16.60 -10.94 -7.01
C ASP B 157 -16.77 -9.73 -6.09
N ALA B 158 -15.99 -9.67 -5.01
CA ALA B 158 -16.03 -8.51 -4.12
C ALA B 158 -15.53 -7.26 -4.87
N GLU B 159 -14.49 -7.42 -5.68
CA GLU B 159 -13.91 -6.33 -6.46
C GLU B 159 -14.90 -5.75 -7.47
N ASN B 160 -15.74 -6.61 -8.07
CA ASN B 160 -16.70 -6.16 -9.09
C ASN B 160 -18.08 -5.77 -8.53
N LYS B 161 -18.26 -5.80 -7.21
CA LYS B 161 -19.53 -5.42 -6.60
C LYS B 161 -19.74 -3.90 -6.67
N ILE B 162 -20.98 -3.45 -6.91
CA ILE B 162 -21.27 -2.02 -6.98
C ILE B 162 -21.10 -1.41 -5.59
N ASN B 163 -21.73 -2.02 -4.57
CA ASN B 163 -21.57 -1.57 -3.20
C ASN B 163 -20.33 -2.27 -2.67
N ARG B 164 -19.17 -1.86 -3.22
CA ARG B 164 -17.89 -2.49 -2.92
C ARG B 164 -17.37 -2.01 -1.57
N HIS B 165 -17.06 -2.97 -0.69
CA HIS B 165 -16.51 -2.71 0.63
C HIS B 165 -15.18 -3.45 0.77
N SER B 166 -14.41 -3.11 1.83
CA SER B 166 -13.13 -3.77 2.12
C SER B 166 -13.31 -5.27 2.21
N ILE B 167 -12.32 -6.02 1.71
CA ILE B 167 -12.41 -7.47 1.66
C ILE B 167 -11.27 -8.15 2.41
N ASN B 168 -11.56 -9.28 3.04
CA ASN B 168 -10.56 -10.07 3.73
C ASN B 168 -9.82 -10.86 2.66
N ASP B 169 -8.51 -10.60 2.51
CA ASP B 169 -7.73 -11.29 1.49
C ASP B 169 -7.49 -12.74 1.90
N LYS B 170 -8.18 -13.66 1.22
CA LYS B 170 -8.05 -15.10 1.47
C LYS B 170 -7.25 -15.86 0.41
N ARG B 171 -6.77 -15.18 -0.64
CA ARG B 171 -6.03 -15.83 -1.71
C ARG B 171 -4.78 -16.52 -1.16
N ILE B 172 -4.49 -17.73 -1.66
CA ILE B 172 -3.35 -18.49 -1.17
C ILE B 172 -2.06 -17.76 -1.52
N HIS B 173 -1.31 -17.35 -0.49
CA HIS B 173 -0.08 -16.58 -0.66
C HIS B 173 1.15 -17.46 -0.89
N ALA B 174 1.15 -18.69 -0.39
CA ALA B 174 2.28 -19.60 -0.60
C ALA B 174 1.81 -21.03 -0.60
N CYS B 175 2.47 -21.86 -1.39
CA CYS B 175 2.16 -23.28 -1.47
C CYS B 175 3.41 -24.09 -1.15
N LEU B 176 3.40 -24.78 0.00
CA LEU B 176 4.51 -25.64 0.37
C LEU B 176 4.22 -27.05 -0.07
N TYR B 177 4.95 -27.52 -1.08
CA TYR B 177 4.81 -28.89 -1.56
C TYR B 177 5.87 -29.71 -0.86
N PHE B 178 5.45 -30.80 -0.20
CA PHE B 178 6.35 -31.67 0.57
C PHE B 178 6.75 -32.87 -0.27
N ILE B 179 8.03 -32.96 -0.59
CA ILE B 179 8.59 -34.06 -1.37
C ILE B 179 9.08 -35.11 -0.38
N GLU B 180 8.79 -36.38 -0.67
CA GLU B 180 9.23 -37.47 0.18
C GLU B 180 10.73 -37.67 0.08
N PRO B 181 11.43 -37.94 1.21
CA PRO B 181 12.88 -38.11 1.15
C PRO B 181 13.33 -39.49 0.62
N THR B 182 13.03 -39.75 -0.64
CA THR B 182 13.39 -41.01 -1.27
C THR B 182 14.86 -40.97 -1.76
N GLY B 183 15.36 -39.79 -2.12
CA GLY B 183 16.71 -39.64 -2.63
C GLY B 183 16.86 -39.95 -4.12
N HIS B 184 15.76 -40.29 -4.82
CA HIS B 184 15.84 -40.63 -6.23
C HIS B 184 15.40 -39.48 -7.17
N TYR B 185 14.11 -39.13 -7.16
CA TYR B 185 13.57 -38.13 -8.08
C TYR B 185 12.16 -37.72 -7.68
N LEU B 186 11.63 -36.68 -8.34
CA LEU B 186 10.26 -36.28 -8.17
C LEU B 186 9.36 -37.34 -8.83
N LYS B 187 8.25 -37.63 -8.19
CA LYS B 187 7.32 -38.66 -8.66
C LYS B 187 6.38 -38.09 -9.73
N PRO B 188 5.75 -38.93 -10.57
CA PRO B 188 4.82 -38.39 -11.58
C PRO B 188 3.73 -37.49 -11.00
N LEU B 189 3.13 -37.89 -9.86
CA LEU B 189 2.11 -37.08 -9.20
C LEU B 189 2.69 -35.74 -8.75
N ASP B 190 3.94 -35.71 -8.29
CA ASP B 190 4.60 -34.47 -7.88
C ASP B 190 4.69 -33.51 -9.06
N LEU B 191 5.19 -33.99 -10.22
CA LEU B 191 5.30 -33.14 -11.40
C LEU B 191 3.95 -32.65 -11.86
N LYS B 192 2.94 -33.53 -11.88
CA LYS B 192 1.61 -33.15 -12.34
C LYS B 192 1.02 -32.03 -11.49
N PHE B 193 1.01 -32.20 -10.17
CA PHE B 193 0.46 -31.18 -9.29
C PHE B 193 1.25 -29.88 -9.37
N MET B 194 2.58 -29.96 -9.31
CA MET B 194 3.41 -28.75 -9.33
C MET B 194 3.24 -27.96 -10.63
N GLN B 195 3.13 -28.64 -11.78
CA GLN B 195 2.89 -27.94 -13.04
C GLN B 195 1.47 -27.36 -13.12
N SER B 196 0.50 -27.96 -12.42
CA SER B 196 -0.86 -27.43 -12.42
C SER B 196 -1.08 -26.33 -11.36
N VAL B 197 -0.11 -26.08 -10.47
CA VAL B 197 -0.28 -25.09 -9.40
C VAL B 197 0.76 -23.96 -9.43
N TYR B 198 1.83 -24.06 -10.25
CA TYR B 198 2.90 -23.06 -10.24
C TYR B 198 2.47 -21.68 -10.75
N GLU B 199 1.49 -21.60 -11.66
CA GLU B 199 1.00 -20.32 -12.16
C GLU B 199 -0.11 -19.71 -11.27
N LYS B 200 -0.49 -20.39 -10.18
CA LYS B 200 -1.55 -19.94 -9.28
C LYS B 200 -1.00 -19.55 -7.91
N CYS B 201 0.10 -20.20 -7.48
CA CYS B 201 0.72 -19.95 -6.20
C CYS B 201 2.21 -19.74 -6.34
N ASN B 202 2.80 -19.16 -5.30
CA ASN B 202 4.24 -19.03 -5.16
C ASN B 202 4.67 -20.42 -4.67
N LEU B 203 5.16 -21.24 -5.58
CA LEU B 203 5.50 -22.63 -5.26
C LEU B 203 6.80 -22.74 -4.50
N ILE B 204 6.76 -23.40 -3.34
CA ILE B 204 7.92 -23.61 -2.49
C ILE B 204 8.10 -25.11 -2.26
N PRO B 205 8.87 -25.81 -3.12
CA PRO B 205 9.09 -27.24 -2.88
C PRO B 205 10.09 -27.45 -1.75
N VAL B 206 9.82 -28.41 -0.88
CA VAL B 206 10.70 -28.76 0.23
C VAL B 206 10.82 -30.27 0.30
N ILE B 207 11.95 -30.76 0.80
CA ILE B 207 12.19 -32.18 1.02
C ILE B 207 11.85 -32.41 2.49
N ALA B 208 10.78 -33.18 2.74
CA ALA B 208 10.32 -33.43 4.09
C ALA B 208 11.14 -34.52 4.76
N LYS B 209 11.19 -34.49 6.12
CA LYS B 209 11.94 -35.45 6.94
C LYS B 209 13.34 -35.69 6.40
N SER B 210 14.03 -34.60 6.05
CA SER B 210 15.36 -34.67 5.46
C SER B 210 16.43 -35.20 6.40
N ASP B 211 16.16 -35.27 7.72
CA ASP B 211 17.10 -35.82 8.71
C ASP B 211 17.67 -37.18 8.28
N ILE B 212 16.84 -38.01 7.65
CA ILE B 212 17.26 -39.34 7.21
C ILE B 212 18.24 -39.35 6.04
N LEU B 213 18.35 -38.24 5.33
CA LEU B 213 19.22 -38.18 4.17
C LEU B 213 20.63 -37.79 4.57
N THR B 214 21.61 -38.37 3.91
CA THR B 214 23.00 -38.00 4.11
C THR B 214 23.21 -36.64 3.42
N ASP B 215 24.34 -35.99 3.67
CA ASP B 215 24.63 -34.69 3.07
C ASP B 215 24.74 -34.83 1.54
N GLU B 216 25.36 -35.93 1.08
CA GLU B 216 25.55 -36.23 -0.34
C GLU B 216 24.20 -36.55 -0.97
N GLU B 217 23.37 -37.34 -0.27
CA GLU B 217 22.03 -37.67 -0.77
C GLU B 217 21.18 -36.42 -0.90
N ILE B 218 21.30 -35.47 0.05
CA ILE B 218 20.55 -34.22 -0.01
C ILE B 218 20.94 -33.46 -1.27
N LEU B 219 22.25 -33.30 -1.51
CA LEU B 219 22.71 -32.54 -2.67
C LEU B 219 22.30 -33.21 -3.99
N SER B 220 22.42 -34.54 -4.08
CA SER B 220 22.05 -35.26 -5.30
C SER B 220 20.54 -35.12 -5.55
N PHE B 221 19.73 -35.32 -4.50
CA PHE B 221 18.29 -35.24 -4.63
C PHE B 221 17.85 -33.85 -5.05
N LYS B 222 18.44 -32.81 -4.46
CA LYS B 222 18.10 -31.44 -4.82
C LYS B 222 18.47 -31.14 -6.26
N LYS B 223 19.64 -31.60 -6.72
CA LYS B 223 20.06 -31.39 -8.11
C LYS B 223 19.07 -32.06 -9.08
N THR B 224 18.72 -33.32 -8.80
CA THR B 224 17.78 -34.06 -9.66
C THR B 224 16.41 -33.36 -9.69
N ILE B 225 15.92 -32.93 -8.53
CA ILE B 225 14.62 -32.26 -8.45
C ILE B 225 14.63 -30.96 -9.27
N MET B 226 15.70 -30.16 -9.12
CA MET B 226 15.80 -28.90 -9.85
C MET B 226 15.87 -29.12 -11.34
N ASN B 227 16.62 -30.13 -11.80
CA ASN B 227 16.70 -30.42 -13.23
C ASN B 227 15.32 -30.84 -13.76
N GLN B 228 14.57 -31.63 -12.97
CA GLN B 228 13.23 -32.07 -13.37
C GLN B 228 12.27 -30.90 -13.45
N LEU B 229 12.30 -30.00 -12.47
CA LEU B 229 11.42 -28.84 -12.46
C LEU B 229 11.76 -27.89 -13.61
N ILE B 230 13.05 -27.73 -13.94
CA ILE B 230 13.46 -26.91 -15.08
C ILE B 230 12.96 -27.55 -16.37
N GLN B 231 13.17 -28.88 -16.52
CA GLN B 231 12.71 -29.64 -17.70
C GLN B 231 11.21 -29.52 -17.91
N SER B 232 10.41 -29.50 -16.83
CA SER B 232 8.95 -29.38 -16.93
C SER B 232 8.45 -27.93 -16.83
N ASN B 233 9.35 -26.94 -17.03
CA ASN B 233 8.99 -25.52 -17.03
C ASN B 233 8.23 -25.06 -15.80
N ILE B 234 8.51 -25.66 -14.63
CA ILE B 234 7.85 -25.27 -13.40
C ILE B 234 8.68 -24.15 -12.78
N GLU B 235 8.07 -22.97 -12.64
CA GLU B 235 8.69 -21.80 -12.07
C GLU B 235 8.37 -21.68 -10.57
N LEU B 236 9.42 -21.48 -9.76
CA LEU B 236 9.27 -21.29 -8.33
C LEU B 236 9.36 -19.80 -7.99
N PHE B 237 9.13 -19.47 -6.71
CA PHE B 237 9.21 -18.11 -6.23
C PHE B 237 10.67 -17.71 -6.03
N LYS B 238 11.11 -16.64 -6.70
CA LYS B 238 12.45 -16.14 -6.55
C LYS B 238 12.43 -14.86 -5.69
N PRO B 239 12.89 -14.88 -4.42
CA PRO B 239 12.83 -13.64 -3.62
C PRO B 239 13.43 -12.42 -4.33
N PRO B 240 12.75 -11.26 -4.30
CA PRO B 240 13.29 -10.09 -5.01
C PRO B 240 14.50 -9.45 -4.32
N ILE B 241 15.26 -8.70 -5.11
CA ILE B 241 16.45 -7.97 -4.65
C ILE B 241 16.08 -6.48 -4.67
N TYR B 242 16.41 -5.75 -3.61
CA TYR B 242 16.11 -4.33 -3.50
C TYR B 242 17.30 -3.47 -3.84
N SER B 243 17.03 -2.27 -4.35
CA SER B 243 18.05 -1.28 -4.69
C SER B 243 18.53 -0.61 -3.39
N ASN B 244 19.81 -0.18 -3.40
CA ASN B 244 20.44 0.45 -2.24
C ASN B 244 20.33 -0.44 -0.99
N ASP B 245 20.45 -1.76 -1.20
CA ASP B 245 20.31 -2.75 -0.15
C ASP B 245 21.68 -3.30 0.21
N ASP B 246 21.83 -3.71 1.47
CA ASP B 246 23.08 -4.28 1.95
C ASP B 246 23.42 -5.56 1.19
N ALA B 247 24.72 -5.77 0.91
CA ALA B 247 25.19 -6.97 0.22
C ALA B 247 24.77 -8.25 0.94
N GLU B 248 24.69 -8.23 2.27
CA GLU B 248 24.26 -9.38 3.05
C GLU B 248 22.81 -9.74 2.71
N ASN B 249 21.93 -8.74 2.59
CA ASN B 249 20.53 -8.99 2.26
C ASN B 249 20.39 -9.60 0.86
N SER B 250 21.06 -9.03 -0.14
CA SER B 250 20.96 -9.54 -1.51
C SER B 250 21.58 -10.93 -1.61
N HIS B 251 22.76 -11.15 -1.02
CA HIS B 251 23.40 -12.47 -1.03
C HIS B 251 22.50 -13.50 -0.34
N LEU B 252 21.86 -13.12 0.77
CA LEU B 252 20.92 -14.00 1.47
C LEU B 252 19.77 -14.39 0.55
N SER B 253 19.17 -13.42 -0.16
CA SER B 253 18.08 -13.68 -1.11
C SER B 253 18.49 -14.62 -2.23
N GLU B 254 19.70 -14.43 -2.78
CA GLU B 254 20.21 -15.29 -3.85
C GLU B 254 20.43 -16.72 -3.34
N ARG B 255 20.90 -16.86 -2.09
CA ARG B 255 21.08 -18.16 -1.46
C ARG B 255 19.72 -18.81 -1.17
N LEU B 256 18.71 -18.02 -0.80
CA LEU B 256 17.36 -18.54 -0.54
C LEU B 256 16.79 -19.17 -1.79
N PHE B 257 17.03 -18.59 -2.97
CA PHE B 257 16.55 -19.19 -4.20
C PHE B 257 17.41 -20.38 -4.60
N SER B 258 18.74 -20.28 -4.47
CA SER B 258 19.65 -21.36 -4.88
C SER B 258 19.50 -22.63 -4.06
N SER B 259 19.17 -22.52 -2.77
CA SER B 259 19.03 -23.70 -1.91
C SER B 259 17.72 -24.47 -2.11
N LEU B 260 16.84 -24.03 -3.01
CA LEU B 260 15.59 -24.74 -3.22
C LEU B 260 15.86 -26.06 -3.96
N PRO B 261 15.16 -27.17 -3.62
CA PRO B 261 14.16 -27.34 -2.55
C PRO B 261 14.82 -27.43 -1.18
N TYR B 262 14.23 -26.81 -0.17
CA TYR B 262 14.83 -26.81 1.16
C TYR B 262 14.74 -28.18 1.83
N ALA B 263 15.83 -28.60 2.44
CA ALA B 263 15.86 -29.84 3.21
C ALA B 263 15.39 -29.43 4.60
N VAL B 264 14.14 -29.72 4.93
CA VAL B 264 13.53 -29.26 6.18
C VAL B 264 13.28 -30.38 7.19
N ILE B 265 13.10 -30.00 8.46
CA ILE B 265 12.78 -30.89 9.57
C ILE B 265 11.78 -30.15 10.49
N GLY B 266 10.93 -30.92 11.14
CA GLY B 266 9.90 -30.38 12.01
C GLY B 266 9.96 -30.89 13.43
N SER B 267 9.88 -29.98 14.39
CA SER B 267 9.84 -30.31 15.81
C SER B 267 9.60 -29.07 16.65
N ASN B 268 8.42 -28.98 17.26
CA ASN B 268 8.15 -27.92 18.21
C ASN B 268 8.36 -28.42 19.66
N ASP B 269 9.03 -29.59 19.84
CA ASP B 269 9.29 -30.22 21.12
C ASP B 269 10.75 -30.07 21.46
N ILE B 270 11.03 -29.81 22.72
CA ILE B 270 12.40 -29.64 23.19
C ILE B 270 13.01 -30.98 23.53
N VAL B 271 14.24 -31.20 23.05
CA VAL B 271 15.03 -32.39 23.33
C VAL B 271 16.38 -31.96 23.93
N GLU B 272 17.03 -32.87 24.63
CA GLU B 272 18.31 -32.61 25.24
C GLU B 272 19.40 -33.21 24.36
N ASN B 273 20.26 -32.37 23.79
CA ASN B 273 21.35 -32.85 22.95
C ASN B 273 22.49 -33.43 23.81
N TYR B 274 23.47 -34.07 23.18
CA TYR B 274 24.58 -34.69 23.89
C TYR B 274 25.44 -33.69 24.69
N SER B 275 25.42 -32.41 24.31
CA SER B 275 26.11 -31.37 25.08
C SER B 275 25.34 -30.95 26.34
N GLY B 276 24.11 -31.45 26.54
CA GLY B 276 23.28 -31.10 27.69
C GLY B 276 22.34 -29.93 27.44
N ASN B 277 22.42 -29.29 26.27
CA ASN B 277 21.54 -28.17 25.96
C ASN B 277 20.15 -28.65 25.60
N GLN B 278 19.14 -27.87 25.99
CA GLN B 278 17.75 -28.17 25.68
C GLN B 278 17.35 -27.30 24.50
N VAL B 279 17.25 -27.93 23.33
CA VAL B 279 16.95 -27.24 22.07
C VAL B 279 15.82 -27.94 21.35
N ARG B 280 15.16 -27.24 20.40
CA ARG B 280 14.10 -27.84 19.61
C ARG B 280 14.72 -28.86 18.68
N GLY B 281 14.12 -30.04 18.62
CA GLY B 281 14.63 -31.09 17.76
C GLY B 281 14.07 -32.47 18.05
N ARG B 282 14.75 -33.47 17.52
CA ARG B 282 14.32 -34.86 17.67
C ARG B 282 15.51 -35.72 18.08
N SER B 283 15.28 -36.64 19.03
CA SER B 283 16.32 -37.48 19.58
C SER B 283 16.17 -38.93 19.14
N TYR B 284 17.25 -39.50 18.63
CA TYR B 284 17.29 -40.87 18.14
C TYR B 284 18.48 -41.60 18.77
N PRO B 285 18.49 -42.95 18.82
CA PRO B 285 19.68 -43.65 19.33
C PRO B 285 20.99 -43.29 18.60
N TRP B 286 20.88 -42.71 17.38
CA TRP B 286 22.01 -42.35 16.54
C TRP B 286 22.35 -40.85 16.53
N GLY B 287 21.55 -40.02 17.18
CA GLY B 287 21.82 -38.60 17.20
C GLY B 287 20.65 -37.74 17.55
N VAL B 288 20.93 -36.48 17.87
CA VAL B 288 19.93 -35.49 18.18
C VAL B 288 19.98 -34.43 17.11
N ILE B 289 18.93 -34.34 16.29
CA ILE B 289 18.87 -33.33 15.25
C ILE B 289 18.16 -32.10 15.81
N GLU B 290 18.68 -30.91 15.47
CA GLU B 290 18.20 -29.66 16.02
C GLU B 290 17.56 -28.81 14.91
N VAL B 291 16.34 -28.33 15.17
CA VAL B 291 15.60 -27.55 14.18
C VAL B 291 16.30 -26.23 13.86
N ASP B 292 16.69 -25.50 14.89
CA ASP B 292 17.25 -24.17 14.74
C ASP B 292 18.76 -24.15 14.48
N ASN B 293 19.36 -25.30 14.14
CA ASN B 293 20.76 -25.39 13.79
C ASN B 293 20.87 -25.35 12.27
N ASP B 294 21.55 -24.34 11.73
CA ASP B 294 21.72 -24.20 10.27
C ASP B 294 22.53 -25.35 9.66
N ASN B 295 23.38 -26.01 10.44
CA ASN B 295 24.19 -27.14 9.95
C ASN B 295 23.41 -28.45 9.80
N HIS B 296 22.15 -28.50 10.27
CA HIS B 296 21.35 -29.72 10.24
C HIS B 296 20.27 -29.74 9.17
N SER B 297 19.74 -28.58 8.80
CA SER B 297 18.68 -28.49 7.81
C SER B 297 18.59 -27.06 7.23
N ASP B 298 17.68 -26.86 6.28
CA ASP B 298 17.36 -25.58 5.69
C ASP B 298 16.06 -25.02 6.29
N PHE B 299 15.77 -25.30 7.59
CA PHE B 299 14.56 -24.80 8.22
C PHE B 299 14.61 -23.27 8.33
N ASN B 300 15.76 -22.69 8.72
CA ASN B 300 15.86 -21.23 8.85
C ASN B 300 15.75 -20.53 7.50
N LEU B 301 16.19 -21.15 6.41
CA LEU B 301 16.02 -20.56 5.08
C LEU B 301 14.54 -20.55 4.71
N LEU B 302 13.81 -21.63 5.06
CA LEU B 302 12.38 -21.68 4.81
C LEU B 302 11.67 -20.62 5.64
N LYS B 303 12.02 -20.50 6.92
CA LYS B 303 11.39 -19.52 7.78
C LYS B 303 11.68 -18.08 7.32
N ASN B 304 12.85 -17.85 6.68
CA ASN B 304 13.19 -16.54 6.13
C ASN B 304 12.38 -16.26 4.87
N LEU B 305 12.28 -17.24 3.97
CA LEU B 305 11.52 -17.05 2.75
C LEU B 305 10.05 -16.83 3.05
N LEU B 306 9.50 -17.59 3.98
CA LEU B 306 8.08 -17.56 4.27
C LEU B 306 7.64 -16.46 5.20
N ILE B 307 8.42 -16.18 6.26
CA ILE B 307 8.00 -15.22 7.28
C ILE B 307 8.98 -14.06 7.50
N LYS B 308 10.22 -14.35 7.95
CA LYS B 308 11.15 -13.34 8.37
C LYS B 308 11.54 -12.31 7.31
N GLN B 309 11.66 -12.73 6.06
CA GLN B 309 12.15 -11.85 5.00
C GLN B 309 11.22 -11.59 3.82
N PHE B 310 10.49 -12.62 3.33
CA PHE B 310 9.71 -12.45 2.10
C PHE B 310 8.25 -12.89 2.16
N MET B 311 7.58 -12.70 3.30
CA MET B 311 6.14 -12.98 3.39
C MET B 311 5.37 -11.95 2.59
N GLU B 312 5.71 -10.66 2.76
CA GLU B 312 5.02 -9.58 2.06
C GLU B 312 5.24 -9.63 0.56
N GLU B 313 6.45 -10.04 0.14
CA GLU B 313 6.72 -10.20 -1.28
C GLU B 313 5.96 -11.38 -1.90
N LEU B 314 5.68 -12.42 -1.09
CA LEU B 314 4.86 -13.53 -1.55
C LEU B 314 3.42 -13.02 -1.77
N LYS B 315 2.91 -12.24 -0.83
CA LYS B 315 1.58 -11.66 -0.95
C LYS B 315 1.51 -10.72 -2.17
N GLU B 316 2.56 -9.94 -2.40
CA GLU B 316 2.62 -9.03 -3.54
C GLU B 316 2.56 -9.79 -4.86
N ARG B 317 3.31 -10.88 -4.99
CA ARG B 317 3.27 -11.68 -6.21
C ARG B 317 1.90 -12.31 -6.39
N THR B 318 1.27 -12.74 -5.29
CA THR B 318 -0.06 -13.33 -5.35
C THR B 318 -1.10 -12.32 -5.87
N SER B 319 -1.08 -11.09 -5.37
CA SER B 319 -2.08 -10.09 -5.74
C SER B 319 -1.81 -9.38 -7.06
N LYS B 320 -0.54 -9.10 -7.37
CA LYS B 320 -0.17 -8.33 -8.56
C LYS B 320 0.15 -9.13 -9.80
N ILE B 321 0.55 -10.40 -9.68
CA ILE B 321 0.91 -11.19 -10.84
C ILE B 321 -0.05 -12.38 -11.01
N LEU B 322 -0.16 -13.23 -9.99
CA LEU B 322 -0.92 -14.48 -10.10
C LEU B 322 -2.41 -14.20 -10.17
N TYR B 323 -2.91 -13.37 -9.28
CA TYR B 323 -4.32 -13.01 -9.29
C TYR B 323 -4.66 -12.23 -10.56
N GLU B 324 -3.78 -11.33 -10.99
CA GLU B 324 -4.01 -10.54 -12.18
C GLU B 324 -4.04 -11.42 -13.45
N ASN B 325 -3.23 -12.47 -13.50
CA ASN B 325 -3.22 -13.38 -14.64
C ASN B 325 -4.48 -14.24 -14.62
N TYR B 326 -4.90 -14.73 -13.44
CA TYR B 326 -6.15 -15.47 -13.32
C TYR B 326 -7.33 -14.62 -13.76
N ARG B 327 -7.38 -13.36 -13.29
CA ARG B 327 -8.43 -12.42 -13.64
C ARG B 327 -8.44 -12.16 -15.15
N SER B 328 -7.27 -11.84 -15.74
CA SER B 328 -7.19 -11.55 -17.17
C SER B 328 -7.64 -12.73 -18.00
N SER B 329 -7.27 -13.95 -17.59
CA SER B 329 -7.70 -15.15 -18.30
C SER B 329 -9.23 -15.29 -18.23
N LYS B 330 -9.82 -15.04 -17.07
CA LYS B 330 -11.26 -15.17 -16.89
C LYS B 330 -12.04 -14.13 -17.68
N LEU B 331 -11.57 -12.88 -17.69
CA LEU B 331 -12.30 -11.77 -18.31
C LEU B 331 -12.06 -11.52 -19.79
N ALA B 332 -10.85 -11.78 -20.30
CA ALA B 332 -10.56 -11.53 -21.71
C ALA B 332 -11.38 -12.46 -22.61
N PRO C 26 17.29 -18.09 22.83
CA PRO C 26 15.84 -18.25 23.01
C PRO C 26 15.32 -19.62 22.57
N VAL C 27 14.56 -20.32 23.42
CA VAL C 27 13.97 -21.60 23.03
C VAL C 27 12.44 -21.49 23.29
N PRO C 28 11.61 -21.31 22.25
CA PRO C 28 11.93 -21.34 20.82
C PRO C 28 12.47 -20.01 20.26
N PRO C 29 13.36 -20.01 19.23
CA PRO C 29 13.74 -18.72 18.62
C PRO C 29 12.51 -18.08 17.97
N PRO C 30 12.33 -16.76 18.06
CA PRO C 30 11.07 -16.16 17.62
C PRO C 30 10.78 -16.23 16.14
N VAL C 31 9.51 -16.13 15.81
CA VAL C 31 9.06 -16.07 14.43
C VAL C 31 9.35 -14.61 14.01
N GLY C 32 9.52 -14.38 12.72
CA GLY C 32 9.79 -13.03 12.22
C GLY C 32 8.59 -12.18 11.94
N ILE C 33 7.56 -12.28 12.76
CA ILE C 33 6.33 -11.50 12.56
C ILE C 33 6.64 -10.02 12.74
N SER C 34 7.48 -9.68 13.72
CA SER C 34 7.87 -8.30 13.96
C SER C 34 8.62 -7.65 12.79
N ASN C 35 9.16 -8.45 11.85
CA ASN C 35 9.84 -7.92 10.67
C ASN C 35 8.87 -7.61 9.52
N LEU C 36 7.58 -7.99 9.61
CA LEU C 36 6.64 -7.74 8.52
C LEU C 36 6.49 -6.23 8.20
N PRO C 37 6.40 -5.30 9.20
CA PRO C 37 6.35 -3.87 8.85
C PRO C 37 7.56 -3.42 8.02
N ASN C 38 8.76 -3.86 8.42
CA ASN C 38 10.00 -3.52 7.72
C ASN C 38 9.97 -4.02 6.30
N GLN C 39 9.45 -5.24 6.09
CA GLN C 39 9.27 -5.81 4.77
C GLN C 39 8.39 -4.89 3.89
N ARG C 40 7.25 -4.43 4.44
CA ARG C 40 6.39 -3.48 3.71
C ARG C 40 7.14 -2.19 3.41
N TYR C 41 7.90 -1.66 4.36
CA TYR C 41 8.74 -0.48 4.16
C TYR C 41 9.62 -0.66 2.91
N LYS C 42 10.34 -1.80 2.82
CA LYS C 42 11.18 -2.08 1.66
C LYS C 42 10.38 -2.04 0.36
N ILE C 43 9.22 -2.70 0.34
CA ILE C 43 8.34 -2.71 -0.84
C ILE C 43 7.99 -1.28 -1.26
N VAL C 44 7.52 -0.47 -0.30
CA VAL C 44 7.15 0.92 -0.59
C VAL C 44 8.35 1.69 -1.15
N ASN C 45 9.49 1.63 -0.45
CA ASN C 45 10.68 2.34 -0.87
C ASN C 45 11.16 1.93 -2.26
N GLU C 46 10.81 0.72 -2.72
CA GLU C 46 11.21 0.26 -4.04
C GLU C 46 10.20 0.71 -5.11
N GLU C 47 8.90 0.60 -4.83
CA GLU C 47 7.88 0.97 -5.81
C GLU C 47 7.61 2.48 -5.88
N GLY C 48 8.25 3.29 -5.05
CA GLY C 48 8.05 4.73 -5.04
C GLY C 48 6.62 5.14 -4.72
N GLY C 49 6.35 6.42 -4.84
CA GLY C 49 5.03 6.96 -4.55
C GLY C 49 4.60 8.02 -5.53
N THR C 50 3.32 8.36 -5.50
CA THR C 50 2.76 9.40 -6.36
C THR C 50 1.89 10.31 -5.50
N PHE C 51 1.92 11.61 -5.80
CA PHE C 51 1.14 12.60 -5.10
C PHE C 51 0.61 13.62 -6.09
N THR C 52 -0.72 13.82 -6.08
CA THR C 52 -1.37 14.77 -6.99
C THR C 52 -2.06 15.82 -6.13
N VAL C 53 -1.76 17.09 -6.41
CA VAL C 53 -2.24 18.19 -5.61
C VAL C 53 -2.74 19.33 -6.50
N MET C 54 -3.97 19.80 -6.24
CA MET C 54 -4.53 20.92 -6.97
C MET C 54 -4.37 22.18 -6.15
N LEU C 55 -4.01 23.29 -6.82
CA LEU C 55 -3.79 24.58 -6.21
C LEU C 55 -4.88 25.51 -6.70
N CYS C 56 -6.05 25.40 -6.09
CA CYS C 56 -7.19 26.20 -6.49
C CYS C 56 -7.13 27.58 -5.85
N GLY C 57 -7.47 28.58 -6.62
CA GLY C 57 -7.50 29.94 -6.14
C GLY C 57 -7.33 30.95 -7.23
N GLU C 58 -7.58 32.20 -6.87
CA GLU C 58 -7.42 33.33 -7.78
C GLU C 58 -5.93 33.62 -7.96
N SER C 59 -5.58 34.40 -8.99
CA SER C 59 -4.19 34.73 -9.26
C SER C 59 -3.66 35.69 -8.20
N GLY C 60 -2.37 35.58 -7.93
CA GLY C 60 -1.72 36.41 -6.94
C GLY C 60 -2.01 36.02 -5.50
N LEU C 61 -2.01 34.74 -5.23
CA LEU C 61 -2.19 34.22 -3.88
C LEU C 61 -0.95 33.43 -3.39
N GLY C 62 0.15 33.48 -4.13
CA GLY C 62 1.37 32.79 -3.76
C GLY C 62 1.26 31.28 -3.89
N LYS C 63 0.58 30.80 -4.95
CA LYS C 63 0.38 29.38 -5.16
C LYS C 63 1.64 28.77 -5.78
N THR C 64 2.19 29.43 -6.81
CA THR C 64 3.44 28.97 -7.44
C THR C 64 4.58 29.05 -6.43
N THR C 65 4.68 30.15 -5.69
CA THR C 65 5.71 30.32 -4.67
C THR C 65 5.57 29.25 -3.60
N PHE C 66 4.34 28.95 -3.16
CA PHE C 66 4.11 27.94 -2.14
C PHE C 66 4.60 26.57 -2.61
N ILE C 67 4.22 26.15 -3.82
CA ILE C 67 4.59 24.83 -4.30
C ILE C 67 6.11 24.71 -4.44
N ASN C 68 6.79 25.78 -4.84
CA ASN C 68 8.24 25.77 -4.94
C ASN C 68 8.89 25.76 -3.55
N THR C 69 8.24 26.40 -2.56
CA THR C 69 8.72 26.39 -1.18
C THR C 69 8.57 24.98 -0.58
N LEU C 70 7.42 24.33 -0.78
CA LEU C 70 7.15 23.01 -0.22
C LEU C 70 8.16 21.95 -0.67
N PHE C 71 8.35 21.82 -1.97
CA PHE C 71 9.29 20.86 -2.53
C PHE C 71 10.72 21.40 -2.62
N GLN C 72 10.98 22.63 -2.15
CA GLN C 72 12.31 23.24 -2.11
C GLN C 72 13.03 23.14 -3.45
N THR C 73 12.26 23.36 -4.51
CA THR C 73 12.71 23.28 -5.90
C THR C 73 11.81 24.19 -6.76
N VAL C 74 12.13 24.38 -8.04
CA VAL C 74 11.31 25.18 -8.95
C VAL C 74 10.52 24.23 -9.86
N LEU C 75 9.29 23.91 -9.46
CA LEU C 75 8.43 23.05 -10.28
C LEU C 75 7.70 23.88 -11.34
N LYS C 76 7.17 25.06 -10.95
CA LYS C 76 6.45 25.96 -11.84
C LYS C 76 7.19 27.28 -11.94
N ARG C 77 7.51 27.71 -13.18
CA ARG C 77 8.17 29.00 -13.41
C ARG C 77 7.13 30.12 -13.25
N GLU C 86 -2.50 37.38 -21.90
CA GLU C 86 -2.68 38.47 -22.88
C GLU C 86 -4.12 39.03 -22.81
N PRO C 87 -5.18 38.19 -22.97
CA PRO C 87 -6.54 38.75 -22.89
C PRO C 87 -6.92 39.07 -21.45
N ILE C 88 -7.53 40.23 -21.22
CA ILE C 88 -7.94 40.64 -19.87
C ILE C 88 -8.91 39.60 -19.26
N ARG C 89 -9.83 39.09 -20.07
CA ARG C 89 -10.76 38.08 -19.63
C ARG C 89 -10.13 36.72 -19.85
N LYS C 90 -9.95 35.99 -18.76
CA LYS C 90 -9.32 34.69 -18.78
C LYS C 90 -10.36 33.58 -18.85
N THR C 91 -9.92 32.39 -19.20
CA THR C 91 -10.76 31.20 -19.20
C THR C 91 -10.22 30.33 -18.08
N VAL C 92 -11.12 29.69 -17.34
CA VAL C 92 -10.71 28.84 -16.23
C VAL C 92 -10.25 27.51 -16.85
N GLU C 93 -8.94 27.27 -16.81
CA GLU C 93 -8.35 26.08 -17.39
C GLU C 93 -7.49 25.34 -16.38
N ILE C 94 -7.21 24.07 -16.66
CA ILE C 94 -6.40 23.23 -15.81
C ILE C 94 -5.05 23.01 -16.48
N ASP C 95 -3.96 23.33 -15.76
CA ASP C 95 -2.59 23.16 -16.25
C ASP C 95 -1.87 22.15 -15.35
N ILE C 96 -1.40 21.04 -15.92
CA ILE C 96 -0.74 20.00 -15.15
C ILE C 96 0.76 20.12 -15.32
N THR C 97 1.50 20.09 -14.19
CA THR C 97 2.96 20.07 -14.17
C THR C 97 3.36 18.74 -13.54
N ARG C 98 4.10 17.92 -14.29
CA ARG C 98 4.54 16.60 -13.82
C ARG C 98 6.03 16.66 -13.51
N ALA C 99 6.42 16.21 -12.31
CA ALA C 99 7.81 16.20 -11.88
C ALA C 99 8.14 14.89 -11.14
N LEU C 100 9.42 14.51 -11.17
CA LEU C 100 9.90 13.35 -10.45
C LEU C 100 10.96 13.80 -9.47
N LEU C 101 10.65 13.73 -8.19
CA LEU C 101 11.58 14.14 -7.14
C LEU C 101 12.18 12.91 -6.50
N GLU C 102 13.35 13.07 -5.89
CA GLU C 102 14.01 11.96 -5.23
C GLU C 102 14.79 12.46 -4.03
N GLU C 103 14.56 11.83 -2.88
CA GLU C 103 15.32 12.11 -1.67
C GLU C 103 15.44 10.80 -0.89
N LYS C 104 16.64 10.51 -0.39
CA LYS C 104 16.93 9.28 0.37
C LYS C 104 16.55 8.04 -0.42
N HIS C 105 16.86 8.05 -1.73
CA HIS C 105 16.55 6.96 -2.65
C HIS C 105 15.05 6.68 -2.81
N PHE C 106 14.18 7.60 -2.33
CA PHE C 106 12.74 7.44 -2.49
C PHE C 106 12.30 8.36 -3.61
N GLU C 107 11.58 7.82 -4.59
CA GLU C 107 11.11 8.59 -5.74
C GLU C 107 9.64 8.91 -5.61
N LEU C 108 9.31 10.19 -5.77
CA LEU C 108 7.92 10.63 -5.72
C LEU C 108 7.59 11.29 -7.04
N ARG C 109 6.52 10.81 -7.69
CA ARG C 109 6.01 11.41 -8.90
C ARG C 109 4.95 12.41 -8.46
N VAL C 110 5.22 13.69 -8.71
CA VAL C 110 4.36 14.78 -8.29
C VAL C 110 3.60 15.34 -9.47
N ASN C 111 2.27 15.42 -9.34
CA ASN C 111 1.41 16.07 -10.31
C ASN C 111 0.87 17.31 -9.61
N VAL C 112 1.19 18.49 -10.15
CA VAL C 112 0.72 19.76 -9.62
C VAL C 112 -0.33 20.25 -10.61
N ILE C 113 -1.58 20.38 -10.13
CA ILE C 113 -2.71 20.80 -10.95
C ILE C 113 -2.96 22.26 -10.64
N ASP C 114 -2.89 23.11 -11.66
CA ASP C 114 -3.10 24.54 -11.51
C ASP C 114 -4.40 24.96 -12.16
N THR C 115 -4.98 26.06 -11.65
CA THR C 115 -6.31 26.53 -12.05
C THR C 115 -6.28 27.98 -12.56
N PRO C 116 -5.49 28.28 -13.62
CA PRO C 116 -5.43 29.65 -14.11
C PRO C 116 -6.77 30.17 -14.64
N GLY C 117 -7.13 31.38 -14.25
CA GLY C 117 -8.38 32.01 -14.65
C GLY C 117 -9.48 31.90 -13.63
N PHE C 118 -9.38 30.96 -12.67
CA PHE C 118 -10.41 30.80 -11.64
C PHE C 118 -10.54 32.07 -10.82
N GLY C 119 -11.73 32.67 -10.86
CA GLY C 119 -12.05 33.85 -10.07
C GLY C 119 -11.27 35.11 -10.40
N ASP C 120 -10.74 35.23 -11.61
CA ASP C 120 -9.95 36.39 -12.02
C ASP C 120 -10.71 37.35 -12.95
N ASN C 121 -12.01 37.12 -13.19
CA ASN C 121 -12.81 37.96 -14.09
C ASN C 121 -13.94 38.65 -13.36
N VAL C 122 -14.64 39.56 -14.07
CA VAL C 122 -15.83 40.21 -13.55
C VAL C 122 -16.90 39.13 -13.32
N ASN C 123 -17.10 38.27 -14.33
CA ASN C 123 -18.02 37.17 -14.25
C ASN C 123 -17.28 35.86 -14.02
N ASN C 124 -17.32 35.37 -12.79
CA ASN C 124 -16.71 34.10 -12.40
C ASN C 124 -17.77 33.03 -12.13
N ASN C 125 -19.00 33.19 -12.65
CA ASN C 125 -20.04 32.21 -12.43
C ASN C 125 -19.64 30.88 -13.06
N LYS C 126 -19.71 29.81 -12.26
CA LYS C 126 -19.36 28.47 -12.70
C LYS C 126 -17.87 28.34 -13.06
N ALA C 127 -17.01 29.07 -12.33
CA ALA C 127 -15.56 28.94 -12.49
C ALA C 127 -15.07 27.61 -11.88
N TRP C 128 -15.81 27.04 -10.92
CA TRP C 128 -15.47 25.78 -10.29
C TRP C 128 -15.68 24.54 -11.17
N GLN C 129 -16.42 24.66 -12.28
CA GLN C 129 -16.79 23.49 -13.08
C GLN C 129 -15.58 22.81 -13.71
N PRO C 130 -14.66 23.52 -14.39
CA PRO C 130 -13.45 22.82 -14.92
C PRO C 130 -12.70 22.00 -13.85
N LEU C 131 -12.64 22.51 -12.63
CA LEU C 131 -11.93 21.87 -11.52
C LEU C 131 -12.64 20.60 -11.04
N VAL C 132 -13.94 20.68 -10.76
CA VAL C 132 -14.71 19.51 -10.31
C VAL C 132 -14.80 18.48 -11.45
N ASP C 133 -14.92 18.94 -12.70
CA ASP C 133 -14.94 18.06 -13.86
C ASP C 133 -13.61 17.33 -14.02
N PHE C 134 -12.49 18.01 -13.77
CA PHE C 134 -11.18 17.37 -13.82
C PHE C 134 -11.09 16.27 -12.75
N ILE C 135 -11.52 16.56 -11.54
CA ILE C 135 -11.47 15.61 -10.44
C ILE C 135 -12.34 14.39 -10.76
N ASP C 136 -13.59 14.64 -11.17
CA ASP C 136 -14.50 13.56 -11.51
C ASP C 136 -13.98 12.75 -12.70
N ASP C 137 -13.33 13.40 -13.66
CA ASP C 137 -12.79 12.71 -14.83
C ASP C 137 -11.66 11.79 -14.44
N GLN C 138 -10.82 12.19 -13.48
CA GLN C 138 -9.73 11.32 -13.02
C GLN C 138 -10.30 10.12 -12.27
N HIS C 139 -11.35 10.34 -11.47
CA HIS C 139 -12.03 9.24 -10.79
C HIS C 139 -12.62 8.26 -11.80
N ASP C 140 -13.32 8.79 -12.81
CA ASP C 140 -13.96 7.98 -13.85
C ASP C 140 -12.92 7.22 -14.68
N SER C 141 -11.81 7.87 -15.01
CA SER C 141 -10.76 7.24 -15.80
C SER C 141 -10.16 6.06 -15.06
N TYR C 142 -9.87 6.23 -13.75
CA TYR C 142 -9.35 5.12 -12.95
C TYR C 142 -10.38 4.00 -12.86
N MET C 143 -11.66 4.36 -12.68
CA MET C 143 -12.74 3.38 -12.58
C MET C 143 -12.81 2.50 -13.83
N ARG C 144 -12.70 3.10 -15.02
CA ARG C 144 -12.77 2.33 -16.25
C ARG C 144 -11.46 1.62 -16.56
N GLN C 145 -10.32 2.10 -16.06
CA GLN C 145 -9.06 1.36 -16.21
C GLN C 145 -9.13 0.09 -15.36
N GLU C 146 -9.65 0.20 -14.13
CA GLU C 146 -9.81 -0.95 -13.22
C GLU C 146 -10.62 -2.08 -13.85
N GLN C 147 -11.61 -1.77 -14.69
CA GLN C 147 -12.46 -2.78 -15.29
C GLN C 147 -11.87 -3.49 -16.50
N GLN C 148 -10.73 -3.03 -17.01
CA GLN C 148 -10.12 -3.65 -18.19
C GLN C 148 -9.66 -5.08 -17.91
N PRO C 149 -9.80 -6.00 -18.89
CA PRO C 149 -9.28 -7.36 -18.68
C PRO C 149 -7.77 -7.34 -18.39
N TYR C 150 -7.03 -6.50 -19.15
CA TYR C 150 -5.60 -6.28 -18.97
C TYR C 150 -5.45 -4.85 -18.46
N ARG C 151 -5.04 -4.72 -17.19
CA ARG C 151 -4.94 -3.43 -16.52
C ARG C 151 -3.57 -3.21 -15.88
N THR C 152 -2.50 -3.79 -16.49
CA THR C 152 -1.14 -3.70 -15.95
C THR C 152 -0.70 -2.24 -15.76
N LYS C 153 -0.60 -1.46 -16.85
CA LYS C 153 -0.23 -0.05 -16.75
C LYS C 153 -1.42 0.71 -16.20
N LYS C 154 -1.16 1.61 -15.25
CA LYS C 154 -2.22 2.36 -14.60
C LYS C 154 -1.84 3.83 -14.49
N PHE C 155 -2.50 4.68 -15.30
CA PHE C 155 -2.27 6.11 -15.30
C PHE C 155 -3.17 6.71 -14.23
N ASP C 156 -2.70 6.73 -12.98
CA ASP C 156 -3.49 7.25 -11.87
C ASP C 156 -3.22 8.76 -11.70
N LEU C 157 -4.28 9.55 -11.85
CA LEU C 157 -4.20 11.00 -11.70
C LEU C 157 -5.31 11.54 -10.80
N ARG C 158 -5.82 10.71 -9.88
CA ARG C 158 -6.83 11.12 -8.93
C ARG C 158 -6.16 12.09 -7.96
N VAL C 159 -6.77 13.28 -7.77
CA VAL C 159 -6.15 14.32 -6.95
C VAL C 159 -6.20 13.94 -5.47
N HIS C 160 -5.03 13.83 -4.85
CA HIS C 160 -4.92 13.44 -3.45
C HIS C 160 -5.18 14.58 -2.49
N ALA C 161 -5.00 15.83 -2.91
CA ALA C 161 -5.27 16.98 -2.06
C ALA C 161 -5.60 18.19 -2.90
N VAL C 162 -6.49 19.03 -2.36
CA VAL C 162 -6.89 20.27 -3.00
C VAL C 162 -6.65 21.40 -2.03
N LEU C 163 -5.67 22.26 -2.33
CA LEU C 163 -5.40 23.43 -1.51
C LEU C 163 -6.18 24.62 -2.06
N TYR C 164 -7.17 25.10 -1.31
CA TYR C 164 -7.94 26.27 -1.72
C TYR C 164 -7.33 27.47 -1.04
N PHE C 165 -6.79 28.38 -1.83
CA PHE C 165 -6.12 29.59 -1.34
C PHE C 165 -7.13 30.72 -1.18
N ILE C 166 -7.22 31.25 0.04
CA ILE C 166 -8.15 32.32 0.37
C ILE C 166 -7.38 33.61 0.48
N ARG C 167 -7.82 34.65 -0.21
CA ARG C 167 -7.17 35.96 -0.12
C ARG C 167 -7.32 36.49 1.31
N PRO C 168 -6.26 37.05 1.93
CA PRO C 168 -6.40 37.49 3.32
C PRO C 168 -7.15 38.81 3.46
N THR C 169 -8.43 38.81 3.10
CA THR C 169 -9.27 40.00 3.23
C THR C 169 -9.46 40.39 4.71
N GLY C 170 -9.35 39.42 5.61
CA GLY C 170 -9.52 39.64 7.03
C GLY C 170 -10.95 39.52 7.52
N HIS C 171 -11.92 39.39 6.59
CA HIS C 171 -13.33 39.33 6.95
C HIS C 171 -13.80 37.88 7.01
N GLY C 172 -14.05 37.25 5.88
CA GLY C 172 -14.53 35.88 5.84
C GLY C 172 -14.47 35.29 4.46
N LEU C 173 -15.18 34.18 4.27
CA LEU C 173 -15.22 33.52 2.99
C LEU C 173 -16.25 34.18 2.10
N LYS C 174 -15.94 34.19 0.81
CA LYS C 174 -16.77 34.80 -0.21
C LYS C 174 -17.73 33.78 -0.85
N PRO C 175 -18.82 34.22 -1.51
CA PRO C 175 -19.71 33.27 -2.20
C PRO C 175 -18.98 32.31 -3.15
N ILE C 176 -18.01 32.79 -3.94
CA ILE C 176 -17.26 31.92 -4.85
C ILE C 176 -16.48 30.88 -4.05
N ASP C 177 -15.88 31.30 -2.93
CA ASP C 177 -15.11 30.44 -2.06
C ASP C 177 -16.00 29.34 -1.50
N ILE C 178 -17.16 29.71 -0.94
CA ILE C 178 -18.10 28.73 -0.38
C ILE C 178 -18.59 27.75 -1.45
N GLU C 179 -19.07 28.25 -2.58
CA GLU C 179 -19.59 27.40 -3.64
C GLU C 179 -18.53 26.39 -4.13
N THR C 180 -17.32 26.86 -4.44
CA THR C 180 -16.25 26.03 -4.96
C THR C 180 -15.81 25.00 -3.92
N MET C 181 -15.59 25.43 -2.68
CA MET C 181 -15.20 24.52 -1.61
C MET C 181 -16.27 23.45 -1.36
N LYS C 182 -17.55 23.82 -1.33
CA LYS C 182 -18.61 22.85 -1.12
C LYS C 182 -18.62 21.78 -2.22
N ARG C 183 -18.42 22.17 -3.48
CA ARG C 183 -18.41 21.20 -4.57
C ARG C 183 -17.15 20.35 -4.61
N LEU C 184 -16.00 20.90 -4.20
CA LEU C 184 -14.75 20.13 -4.19
C LEU C 184 -14.68 19.16 -3.03
N SER C 185 -15.23 19.54 -1.88
CA SER C 185 -15.16 18.71 -0.67
C SER C 185 -15.70 17.28 -0.84
N THR C 186 -16.73 17.09 -1.67
CA THR C 186 -17.35 15.78 -1.88
C THR C 186 -16.61 14.86 -2.84
N ARG C 187 -15.56 15.34 -3.52
CA ARG C 187 -14.83 14.58 -4.53
C ARG C 187 -13.32 14.52 -4.32
N ALA C 188 -12.78 15.33 -3.40
CA ALA C 188 -11.35 15.31 -3.11
C ALA C 188 -11.08 15.88 -1.71
N ASN C 189 -9.90 15.57 -1.15
CA ASN C 189 -9.52 16.06 0.17
C ASN C 189 -9.31 17.56 0.11
N LEU C 190 -10.24 18.32 0.67
CA LEU C 190 -10.19 19.77 0.67
C LEU C 190 -9.43 20.30 1.87
N ILE C 191 -8.39 21.11 1.63
CA ILE C 191 -7.57 21.71 2.67
C ILE C 191 -7.60 23.24 2.47
N PRO C 192 -8.55 23.95 3.11
CA PRO C 192 -8.54 25.41 3.00
C PRO C 192 -7.32 26.02 3.65
N VAL C 193 -6.72 27.02 2.99
CA VAL C 193 -5.54 27.72 3.47
C VAL C 193 -5.70 29.22 3.25
N ILE C 194 -5.08 30.02 4.13
CA ILE C 194 -5.09 31.46 4.00
C ILE C 194 -3.80 31.87 3.30
N ALA C 195 -3.93 32.47 2.12
CA ALA C 195 -2.79 32.91 1.34
C ALA C 195 -2.21 34.17 1.94
N LYS C 196 -0.88 34.34 1.83
CA LYS C 196 -0.16 35.52 2.32
C LYS C 196 -0.57 35.91 3.75
N ALA C 197 -0.47 34.96 4.67
CA ALA C 197 -0.81 35.21 6.08
C ALA C 197 0.06 36.26 6.75
N ASP C 198 1.20 36.61 6.14
CA ASP C 198 2.05 37.68 6.61
C ASP C 198 1.47 39.08 6.35
N THR C 199 0.31 39.19 5.69
CA THR C 199 -0.36 40.44 5.45
C THR C 199 -1.48 40.69 6.48
N LEU C 200 -1.55 39.89 7.55
CA LEU C 200 -2.53 40.03 8.61
C LEU C 200 -1.83 39.89 9.93
N THR C 201 -2.28 40.65 10.91
CA THR C 201 -1.71 40.61 12.24
C THR C 201 -2.21 39.33 12.94
N ALA C 202 -1.66 38.99 14.11
CA ALA C 202 -2.09 37.81 14.85
C ALA C 202 -3.59 37.87 15.21
N GLN C 203 -4.08 39.02 15.68
CA GLN C 203 -5.48 39.19 16.02
C GLN C 203 -6.36 39.13 14.78
N GLU C 204 -5.94 39.77 13.68
CA GLU C 204 -6.72 39.71 12.42
C GLU C 204 -6.77 38.27 11.90
N LEU C 205 -5.64 37.55 11.97
CA LEU C 205 -5.56 36.18 11.50
C LEU C 205 -6.41 35.25 12.35
N GLN C 206 -6.42 35.46 13.67
CA GLN C 206 -7.25 34.65 14.57
C GLN C 206 -8.73 34.82 14.23
N GLN C 207 -9.17 36.08 14.06
CA GLN C 207 -10.56 36.35 13.70
C GLN C 207 -10.92 35.75 12.35
N PHE C 208 -10.05 35.92 11.34
CA PHE C 208 -10.32 35.40 10.01
C PHE C 208 -10.43 33.88 10.01
N LYS C 209 -9.53 33.20 10.72
CA LYS C 209 -9.56 31.75 10.84
C LYS C 209 -10.84 31.29 11.53
N SER C 210 -11.24 31.98 12.61
CA SER C 210 -12.47 31.64 13.32
C SER C 210 -13.69 31.79 12.41
N ARG C 211 -13.78 32.89 11.66
CA ARG C 211 -14.91 33.10 10.75
C ARG C 211 -14.92 32.06 9.63
N ILE C 212 -13.74 31.72 9.09
CA ILE C 212 -13.65 30.69 8.05
C ILE C 212 -14.11 29.34 8.60
N ARG C 213 -13.65 28.97 9.80
CA ARG C 213 -14.05 27.71 10.43
C ARG C 213 -15.56 27.66 10.65
N GLN C 214 -16.13 28.76 11.12
CA GLN C 214 -17.57 28.85 11.36
C GLN C 214 -18.37 28.69 10.07
N VAL C 215 -17.91 29.31 8.98
CA VAL C 215 -18.58 29.17 7.68
C VAL C 215 -18.47 27.71 7.20
N ILE C 216 -17.28 27.11 7.27
CA ILE C 216 -17.07 25.71 6.86
C ILE C 216 -18.02 24.78 7.62
N GLU C 217 -18.19 25.02 8.93
CA GLU C 217 -19.10 24.22 9.74
C GLU C 217 -20.57 24.46 9.35
N ALA C 218 -20.99 25.72 9.25
CA ALA C 218 -22.39 26.05 8.95
C ALA C 218 -22.82 25.63 7.55
N GLN C 219 -21.95 25.80 6.56
CA GLN C 219 -22.23 25.39 5.19
C GLN C 219 -22.06 23.86 4.97
N GLU C 220 -21.71 23.08 6.02
CA GLU C 220 -21.54 21.64 5.93
C GLU C 220 -20.51 21.24 4.86
N ILE C 221 -19.35 21.87 4.89
CA ILE C 221 -18.25 21.59 3.96
C ILE C 221 -17.28 20.68 4.69
N ARG C 222 -17.08 19.46 4.18
CA ARG C 222 -16.17 18.51 4.80
C ARG C 222 -14.74 18.75 4.32
N ILE C 223 -13.86 19.13 5.26
CA ILE C 223 -12.45 19.36 4.97
C ILE C 223 -11.66 18.16 5.47
N PHE C 224 -10.50 17.91 4.86
CA PHE C 224 -9.66 16.79 5.27
C PHE C 224 -9.06 17.06 6.64
N THR C 225 -9.19 16.10 7.55
CA THR C 225 -8.63 16.19 8.89
C THR C 225 -7.83 14.91 9.16
N PRO C 226 -6.60 15.03 9.71
CA PRO C 226 -5.82 13.82 9.94
C PRO C 226 -6.44 12.90 11.00
N PRO C 227 -6.28 11.57 10.91
CA PRO C 227 -6.88 10.69 11.92
C PRO C 227 -6.33 10.94 13.33
N LEU C 228 -7.20 10.76 14.33
CA LEU C 228 -6.83 10.93 15.72
C LEU C 228 -6.84 9.58 16.43
N ASP C 229 -5.72 8.85 16.32
CA ASP C 229 -5.58 7.52 16.91
C ASP C 229 -4.65 7.57 18.12
N VAL C 247 -1.35 11.74 18.64
CA VAL C 247 -2.72 12.27 18.54
C VAL C 247 -2.79 13.74 19.03
N GLU C 248 -1.86 14.17 19.90
CA GLU C 248 -1.80 15.55 20.34
C GLU C 248 -1.29 16.40 19.18
N HIS C 249 -0.23 15.95 18.47
CA HIS C 249 0.30 16.65 17.30
C HIS C 249 -0.79 16.84 16.26
N ALA C 250 -1.56 15.77 15.96
CA ALA C 250 -2.65 15.85 15.01
C ALA C 250 -3.70 16.88 15.46
N ARG C 251 -4.04 16.90 16.76
CA ARG C 251 -5.00 17.88 17.26
C ARG C 251 -4.48 19.30 17.06
N GLN C 252 -3.18 19.55 17.31
CA GLN C 252 -2.59 20.86 17.07
C GLN C 252 -2.70 21.22 15.58
N LEU C 253 -2.44 20.27 14.68
CA LEU C 253 -2.61 20.47 13.25
C LEU C 253 -4.04 20.89 12.89
N ILE C 254 -5.03 20.28 13.54
CA ILE C 254 -6.44 20.60 13.28
C ILE C 254 -6.79 21.97 13.86
N GLU C 255 -6.27 22.29 15.06
CA GLU C 255 -6.53 23.59 15.68
C GLU C 255 -6.05 24.76 14.80
N ALA C 256 -5.01 24.55 13.98
CA ALA C 256 -4.47 25.58 13.11
C ALA C 256 -5.27 25.76 11.81
N MET C 257 -6.15 24.81 11.45
CA MET C 257 -6.91 24.93 10.22
C MET C 257 -7.89 26.10 10.30
N PRO C 258 -8.02 26.93 9.23
CA PRO C 258 -7.30 26.90 7.95
C PRO C 258 -5.84 27.33 8.11
N PHE C 259 -4.90 26.60 7.50
CA PHE C 259 -3.49 26.89 7.68
C PHE C 259 -3.14 28.26 7.13
N ALA C 260 -2.38 29.03 7.91
CA ALA C 260 -1.91 30.35 7.56
C ALA C 260 -0.60 30.20 6.80
N ILE C 261 -0.62 30.41 5.50
CA ILE C 261 0.52 30.16 4.64
C ILE C 261 1.32 31.42 4.28
N VAL C 262 2.65 31.30 4.35
CA VAL C 262 3.61 32.27 3.86
C VAL C 262 4.62 31.44 3.04
N GLY C 263 4.95 31.93 1.85
CA GLY C 263 5.89 31.26 0.97
C GLY C 263 7.01 32.16 0.52
N SER C 264 8.19 31.57 0.30
CA SER C 264 9.35 32.29 -0.20
C SER C 264 10.33 31.31 -0.83
N GLU C 265 10.95 31.73 -1.93
CA GLU C 265 12.00 30.96 -2.59
C GLU C 265 13.37 31.66 -2.39
N LYS C 266 13.51 32.50 -1.34
CA LYS C 266 14.74 33.21 -1.00
C LYS C 266 15.11 32.90 0.45
N LYS C 267 16.39 33.04 0.77
CA LYS C 267 16.87 32.78 2.13
C LYS C 267 17.63 33.99 2.63
N PHE C 268 17.45 34.30 3.92
CA PHE C 268 18.09 35.45 4.58
C PHE C 268 18.64 35.04 5.93
N ASP C 269 19.55 35.86 6.46
CA ASP C 269 20.17 35.57 7.75
C ASP C 269 19.18 35.79 8.89
N ASN C 270 18.97 34.76 9.70
CA ASN C 270 18.08 34.85 10.84
C ASN C 270 18.67 35.62 12.05
N GLY C 271 19.94 35.99 11.98
CA GLY C 271 20.61 36.68 13.08
C GLY C 271 21.65 35.81 13.79
N GLN C 272 21.53 34.48 13.66
CA GLN C 272 22.48 33.53 14.27
C GLN C 272 23.43 32.92 13.21
N GLY C 273 23.67 33.64 12.12
CA GLY C 273 24.55 33.17 11.06
C GLY C 273 24.00 32.06 10.19
N THR C 274 22.67 31.83 10.22
CA THR C 274 22.06 30.75 9.44
C THR C 274 21.11 31.34 8.40
N GLN C 275 21.11 30.76 7.19
CA GLN C 275 20.26 31.21 6.10
C GLN C 275 18.96 30.43 6.18
N VAL C 276 17.88 31.13 6.50
CA VAL C 276 16.55 30.55 6.66
C VAL C 276 15.65 31.06 5.54
N VAL C 277 14.70 30.23 5.09
CA VAL C 277 13.76 30.64 4.04
C VAL C 277 12.83 31.65 4.67
N ALA C 278 12.76 32.87 4.10
CA ALA C 278 11.99 33.93 4.70
C ALA C 278 11.64 35.08 3.74
N ARG C 279 10.70 35.95 4.16
CA ARG C 279 10.34 37.17 3.44
C ARG C 279 11.00 38.33 4.20
N LYS C 280 11.78 39.13 3.49
CA LYS C 280 12.51 40.24 4.09
C LYS C 280 11.79 41.59 3.90
N TYR C 281 11.08 42.04 4.94
CA TYR C 281 10.43 43.35 4.94
C TYR C 281 11.38 44.33 5.67
N PRO C 282 11.36 45.64 5.36
CA PRO C 282 12.26 46.56 6.08
C PRO C 282 12.01 46.66 7.59
N TRP C 283 10.90 46.08 8.08
CA TRP C 283 10.54 46.08 9.49
C TRP C 283 10.63 44.70 10.15
N GLY C 284 11.09 43.68 9.43
CA GLY C 284 11.21 42.35 10.00
C GLY C 284 11.34 41.26 8.97
N LEU C 285 11.73 40.08 9.45
CA LEU C 285 11.88 38.89 8.63
C LEU C 285 10.78 37.90 8.99
N VAL C 286 10.08 37.38 7.97
CA VAL C 286 9.01 36.41 8.17
C VAL C 286 9.58 35.05 7.85
N GLU C 287 9.84 34.25 8.88
CA GLU C 287 10.46 32.94 8.70
C GLU C 287 9.41 31.86 8.44
N ILE C 288 9.48 31.24 7.26
CA ILE C 288 8.55 30.19 6.85
C ILE C 288 8.53 29.02 7.83
N GLU C 289 9.71 28.59 8.27
CA GLU C 289 9.83 27.47 9.21
C GLU C 289 9.45 27.84 10.66
N ASN C 290 9.18 29.11 10.96
CA ASN C 290 8.82 29.53 12.30
C ASN C 290 7.33 29.36 12.52
N ASP C 291 6.95 28.46 13.43
CA ASP C 291 5.54 28.18 13.74
C ASP C 291 4.78 29.39 14.28
N SER C 292 5.48 30.38 14.85
CA SER C 292 4.84 31.60 15.34
C SER C 292 4.58 32.65 14.24
N HIS C 293 5.06 32.40 13.02
CA HIS C 293 4.87 33.31 11.89
C HIS C 293 3.84 32.77 10.93
N CYS C 294 3.91 31.46 10.63
CA CYS C 294 2.96 30.82 9.71
C CYS C 294 2.83 29.33 10.04
N ASP C 295 1.82 28.67 9.44
CA ASP C 295 1.55 27.26 9.63
C ASP C 295 2.08 26.40 8.48
N PHE C 296 3.14 26.84 7.78
CA PHE C 296 3.71 26.07 6.68
C PHE C 296 4.22 24.71 7.16
N ARG C 297 4.89 24.66 8.33
CA ARG C 297 5.41 23.39 8.82
C ARG C 297 4.27 22.41 9.11
N LYS C 298 3.15 22.91 9.63
CA LYS C 298 2.01 22.06 9.90
C LYS C 298 1.41 21.52 8.60
N LEU C 299 1.30 22.38 7.57
CA LEU C 299 0.77 21.95 6.28
C LEU C 299 1.71 20.94 5.63
N ARG C 300 3.02 21.09 5.80
CA ARG C 300 3.99 20.12 5.26
C ARG C 300 3.84 18.78 5.98
N ALA C 301 3.60 18.80 7.30
CA ALA C 301 3.31 17.61 8.07
C ALA C 301 2.05 16.90 7.54
N LEU C 302 1.00 17.66 7.24
CA LEU C 302 -0.23 17.09 6.73
C LEU C 302 -0.10 16.54 5.31
N LEU C 303 0.64 17.24 4.45
CA LEU C 303 0.75 16.85 3.04
C LEU C 303 1.81 15.80 2.73
N LEU C 304 2.98 15.88 3.37
CA LEU C 304 4.08 15.00 2.99
C LEU C 304 4.73 14.22 4.14
N ARG C 305 5.15 14.92 5.20
CA ARG C 305 5.93 14.28 6.26
C ARG C 305 5.18 13.28 7.14
N THR C 306 3.88 13.48 7.41
CA THR C 306 3.15 12.57 8.30
C THR C 306 1.89 11.92 7.70
N TYR C 307 1.02 12.70 7.05
CA TYR C 307 -0.27 12.20 6.61
C TYR C 307 -0.44 12.09 5.10
N LEU C 308 0.65 12.02 4.33
CA LEU C 308 0.55 11.83 2.89
C LEU C 308 -0.17 10.54 2.56
N LEU C 309 0.18 9.45 3.26
CA LEU C 309 -0.47 8.17 3.07
C LEU C 309 -1.96 8.26 3.39
N ASP C 310 -2.34 9.01 4.44
CA ASP C 310 -3.74 9.18 4.79
C ASP C 310 -4.48 9.96 3.69
N LEU C 311 -3.84 10.95 3.05
CA LEU C 311 -4.47 11.65 1.95
C LEU C 311 -4.73 10.70 0.77
N ILE C 312 -3.72 9.92 0.39
CA ILE C 312 -3.84 9.00 -0.73
C ILE C 312 -4.89 7.92 -0.44
N SER C 313 -4.86 7.34 0.75
CA SER C 313 -5.80 6.28 1.11
C SER C 313 -7.23 6.78 1.21
N THR C 314 -7.44 7.99 1.75
CA THR C 314 -8.79 8.57 1.80
C THR C 314 -9.27 8.94 0.40
N THR C 315 -8.36 9.34 -0.47
CA THR C 315 -8.68 9.64 -1.86
C THR C 315 -9.17 8.39 -2.58
N GLN C 316 -8.52 7.26 -2.33
CA GLN C 316 -8.86 6.01 -2.99
C GLN C 316 -10.06 5.29 -2.36
N GLU C 317 -10.10 5.21 -1.03
CA GLU C 317 -11.12 4.46 -0.31
C GLU C 317 -12.40 5.21 0.04
N MET C 318 -12.41 6.55 -0.06
CA MET C 318 -13.59 7.33 0.26
CA MET C 318 -13.59 7.33 0.25
C MET C 318 -14.09 8.07 -0.99
N HIS C 319 -13.35 9.11 -1.47
CA HIS C 319 -13.79 9.92 -2.59
C HIS C 319 -14.00 9.08 -3.83
N TYR C 320 -12.97 8.30 -4.24
CA TYR C 320 -13.09 7.45 -5.42
C TYR C 320 -14.15 6.38 -5.27
N GLU C 321 -14.23 5.76 -4.10
CA GLU C 321 -15.21 4.69 -3.87
C GLU C 321 -16.65 5.22 -3.91
N THR C 322 -16.87 6.46 -3.49
CA THR C 322 -18.19 7.08 -3.52
C THR C 322 -18.55 7.41 -4.96
N TYR C 323 -17.61 7.98 -5.72
CA TYR C 323 -17.81 8.29 -7.13
C TYR C 323 -18.20 7.04 -7.93
N ARG C 324 -17.45 5.95 -7.73
CA ARG C 324 -17.70 4.69 -8.44
C ARG C 324 -19.08 4.15 -8.13
N ARG C 325 -19.44 4.07 -6.85
CA ARG C 325 -20.74 3.54 -6.44
C ARG C 325 -21.89 4.37 -7.04
N LEU C 326 -21.77 5.71 -7.05
CA LEU C 326 -22.82 6.54 -7.64
C LEU C 326 -22.87 6.40 -9.15
N ARG C 327 -21.72 6.22 -9.81
CA ARG C 327 -21.68 6.07 -11.26
C ARG C 327 -22.26 4.73 -11.73
N LEU C 328 -21.97 3.65 -11.01
CA LEU C 328 -22.44 2.32 -11.40
C LEU C 328 -23.90 2.04 -11.01
N GLU C 329 -24.45 2.74 -10.03
CA GLU C 329 -25.85 2.53 -9.62
C GLU C 329 -26.80 3.05 -10.69
N GLY D 2 -16.46 78.18 2.80
CA GLY D 2 -16.51 76.72 2.83
C GLY D 2 -16.42 76.09 1.46
N ILE D 3 -15.72 74.95 1.37
CA ILE D 3 -15.49 74.25 0.10
C ILE D 3 -16.15 72.88 0.19
N THR D 4 -17.04 72.57 -0.78
CA THR D 4 -17.66 71.26 -0.83
C THR D 4 -16.74 70.33 -1.61
N TYR D 5 -16.39 69.19 -1.01
CA TYR D 5 -15.50 68.22 -1.63
C TYR D 5 -16.12 66.85 -1.52
N THR D 6 -16.02 66.05 -2.59
CA THR D 6 -16.60 64.72 -2.60
C THR D 6 -15.59 63.73 -3.11
N MET D 7 -15.38 62.65 -2.35
CA MET D 7 -14.41 61.61 -2.64
C MET D 7 -15.04 60.24 -2.57
N LEU D 8 -14.85 59.45 -3.64
CA LEU D 8 -15.32 58.07 -3.71
C LEU D 8 -14.20 57.12 -3.37
N LEU D 9 -14.52 56.07 -2.60
CA LEU D 9 -13.60 55.00 -2.26
C LEU D 9 -14.21 53.75 -2.87
N CYS D 10 -13.64 53.33 -4.01
CA CYS D 10 -14.13 52.19 -4.74
C CYS D 10 -13.08 51.09 -4.76
N GLY D 11 -13.55 49.86 -4.70
CA GLY D 11 -12.68 48.70 -4.78
C GLY D 11 -13.30 47.45 -4.19
N PRO D 12 -12.65 46.31 -4.41
CA PRO D 12 -13.16 45.07 -3.81
C PRO D 12 -12.96 45.02 -2.31
N ALA D 13 -13.78 44.22 -1.63
CA ALA D 13 -13.70 44.08 -0.18
C ALA D 13 -12.33 43.55 0.25
N GLY D 14 -11.88 43.92 1.43
CA GLY D 14 -10.59 43.50 1.96
C GLY D 14 -9.41 44.24 1.35
N THR D 15 -9.59 45.52 1.02
CA THR D 15 -8.51 46.34 0.49
C THR D 15 -8.13 47.52 1.41
N GLY D 16 -8.67 47.56 2.63
CA GLY D 16 -8.35 48.62 3.58
C GLY D 16 -9.01 49.94 3.32
N LYS D 17 -10.24 49.94 2.74
CA LYS D 17 -10.96 51.18 2.47
C LYS D 17 -11.47 51.79 3.78
N THR D 18 -12.04 50.97 4.66
CA THR D 18 -12.51 51.43 5.96
C THR D 18 -11.32 51.92 6.80
N ALA D 19 -10.20 51.19 6.77
CA ALA D 19 -9.00 51.60 7.48
C ALA D 19 -8.46 52.92 6.93
N PHE D 20 -8.49 53.09 5.61
CA PHE D 20 -8.03 54.33 4.99
C PHE D 20 -8.92 55.50 5.41
N ALA D 21 -10.24 55.33 5.40
CA ALA D 21 -11.15 56.41 5.76
C ALA D 21 -10.99 56.82 7.23
N ASN D 22 -10.91 55.84 8.13
CA ASN D 22 -10.75 56.12 9.55
C ASN D 22 -9.41 56.75 9.84
N ASN D 23 -8.35 56.30 9.16
CA ASN D 23 -7.02 56.90 9.34
C ASN D 23 -7.02 58.34 8.81
N LEU D 24 -7.65 58.56 7.65
CA LEU D 24 -7.72 59.87 7.04
C LEU D 24 -8.42 60.88 7.96
N LEU D 25 -9.52 60.47 8.60
CA LEU D 25 -10.24 61.34 9.53
C LEU D 25 -9.66 61.29 10.95
N GLU D 26 -8.67 60.42 11.22
CA GLU D 26 -8.05 60.24 12.53
C GLU D 26 -9.09 59.92 13.60
N THR D 27 -10.12 59.15 13.24
CA THR D 27 -11.19 58.73 14.14
C THR D 27 -11.98 57.59 13.48
N LYS D 28 -12.42 56.63 14.29
CA LYS D 28 -13.13 55.45 13.77
C LYS D 28 -14.62 55.73 13.57
N ILE D 29 -14.94 56.41 12.46
CA ILE D 29 -16.34 56.72 12.11
C ILE D 29 -16.96 55.59 11.29
N PHE D 30 -16.16 54.85 10.52
CA PHE D 30 -16.66 53.78 9.67
C PHE D 30 -16.34 52.43 10.28
N PRO D 31 -17.31 51.67 10.81
CA PRO D 31 -16.98 50.34 11.34
C PRO D 31 -16.60 49.36 10.23
N HIS D 32 -15.81 48.35 10.59
CA HIS D 32 -15.39 47.32 9.66
C HIS D 32 -16.48 46.27 9.51
N LYS D 33 -16.38 45.42 8.47
CA LYS D 33 -17.37 44.39 8.19
C LYS D 33 -17.62 43.49 9.41
N TYR D 34 -18.92 43.24 9.70
CA TYR D 34 -19.37 42.44 10.84
C TYR D 34 -19.24 43.16 12.19
N GLN D 35 -18.65 44.36 12.23
CA GLN D 35 -18.45 45.09 13.48
C GLN D 35 -19.35 46.33 13.56
N TYR D 36 -20.55 46.26 12.98
CA TYR D 36 -21.51 47.38 13.02
C TYR D 36 -22.33 47.36 14.32
N ILE D 43 -19.23 58.36 16.24
CA ILE D 43 -18.37 58.97 17.26
C ILE D 43 -17.17 59.63 16.60
N SER D 44 -17.13 60.98 16.61
CA SER D 44 -16.04 61.75 16.05
C SER D 44 -15.10 62.17 17.17
N SER D 45 -14.18 61.27 17.55
CA SER D 45 -13.20 61.56 18.59
C SER D 45 -12.17 62.63 18.17
N ASN D 46 -12.18 63.08 16.89
CA ASN D 46 -11.26 64.10 16.43
C ASN D 46 -11.94 65.46 16.56
N PRO D 47 -11.38 66.42 17.34
CA PRO D 47 -12.05 67.73 17.45
C PRO D 47 -12.26 68.47 16.13
N GLU D 48 -11.42 68.21 15.12
CA GLU D 48 -11.50 68.88 13.83
C GLU D 48 -12.43 68.18 12.81
N VAL D 49 -13.17 67.13 13.23
CA VAL D 49 -14.09 66.41 12.35
C VAL D 49 -15.44 66.30 13.05
N LYS D 50 -16.52 66.63 12.34
CA LYS D 50 -17.88 66.58 12.86
C LYS D 50 -18.75 65.86 11.82
N VAL D 51 -19.60 64.93 12.27
CA VAL D 51 -20.50 64.22 11.37
C VAL D 51 -21.77 65.07 11.21
N ILE D 52 -21.94 65.67 10.04
CA ILE D 52 -23.10 66.52 9.74
C ILE D 52 -24.25 65.73 9.11
N ALA D 53 -23.96 64.57 8.50
CA ALA D 53 -24.98 63.68 7.95
C ALA D 53 -24.43 62.26 8.01
N PRO D 54 -24.87 61.41 8.98
CA PRO D 54 -24.28 60.07 9.09
C PRO D 54 -24.43 59.21 7.86
N THR D 55 -23.64 58.13 7.80
CA THR D 55 -23.60 57.20 6.66
C THR D 55 -24.99 56.76 6.22
N LYS D 56 -25.29 56.97 4.94
CA LYS D 56 -26.59 56.67 4.38
C LYS D 56 -26.42 55.99 3.04
N VAL D 57 -27.33 55.08 2.71
CA VAL D 57 -27.29 54.40 1.43
C VAL D 57 -27.82 55.38 0.37
N VAL D 58 -27.01 55.62 -0.67
CA VAL D 58 -27.36 56.52 -1.76
C VAL D 58 -27.76 55.78 -3.05
N SER D 59 -27.39 54.52 -3.17
CA SER D 59 -27.78 53.67 -4.31
C SER D 59 -27.40 52.23 -4.02
N PHE D 60 -28.29 51.30 -4.33
CA PHE D 60 -28.03 49.90 -4.07
C PHE D 60 -28.72 49.03 -5.11
N ASN D 61 -28.21 47.81 -5.26
CA ASN D 61 -28.79 46.81 -6.15
C ASN D 61 -28.39 45.45 -5.62
N SER D 62 -29.29 44.84 -4.86
CA SER D 62 -29.11 43.53 -4.27
C SER D 62 -30.25 42.62 -4.76
N LYS D 63 -30.35 41.41 -4.23
CA LYS D 63 -31.40 40.45 -4.56
C LYS D 63 -32.47 40.43 -3.45
N ASN D 64 -33.53 39.63 -3.66
CA ASN D 64 -34.60 39.48 -2.70
C ASN D 64 -34.09 38.98 -1.34
N GLY D 65 -34.23 39.80 -0.32
CA GLY D 65 -33.84 39.44 1.04
C GLY D 65 -32.37 39.17 1.24
N ILE D 66 -31.53 40.07 0.73
CA ILE D 66 -30.09 39.92 0.88
C ILE D 66 -29.63 40.80 2.03
N PRO D 67 -29.07 40.22 3.12
CA PRO D 67 -28.57 41.05 4.23
C PRO D 67 -27.75 42.26 3.77
N SER D 68 -27.94 43.39 4.45
CA SER D 68 -27.26 44.64 4.12
C SER D 68 -25.77 44.61 4.47
N TYR D 69 -25.02 45.63 4.03
CA TYR D 69 -23.60 45.76 4.36
C TYR D 69 -23.34 45.87 5.86
N VAL D 70 -24.34 46.30 6.66
CA VAL D 70 -24.23 46.43 8.11
C VAL D 70 -24.52 45.12 8.85
N SER D 71 -24.99 44.06 8.16
CA SER D 71 -25.37 42.82 8.83
C SER D 71 -24.21 42.16 9.54
N GLU D 72 -24.46 41.73 10.77
CA GLU D 72 -23.43 41.05 11.57
C GLU D 72 -23.08 39.70 10.95
N PHE D 73 -21.99 39.09 11.43
CA PHE D 73 -21.52 37.83 10.88
C PHE D 73 -22.53 36.71 11.08
N ASP D 74 -23.07 36.20 9.97
CA ASP D 74 -23.99 35.07 9.98
C ASP D 74 -23.37 33.99 9.09
N PRO D 75 -22.82 32.90 9.67
CA PRO D 75 -22.21 31.86 8.81
C PRO D 75 -23.22 31.14 7.91
N MET D 76 -24.47 30.98 8.38
CA MET D 76 -25.51 30.32 7.60
C MET D 76 -25.83 31.08 6.30
N ARG D 77 -25.71 32.41 6.32
CA ARG D 77 -26.01 33.26 5.17
C ARG D 77 -24.76 33.77 4.45
N ALA D 78 -23.55 33.26 4.78
CA ALA D 78 -22.33 33.69 4.12
C ALA D 78 -22.33 33.41 2.60
N ASN D 79 -23.07 32.38 2.19
CA ASN D 79 -23.26 32.00 0.79
C ASN D 79 -23.98 33.03 -0.08
N LEU D 80 -24.66 34.01 0.52
CA LEU D 80 -25.44 34.98 -0.25
C LEU D 80 -24.57 36.08 -0.83
N GLU D 81 -24.77 36.36 -2.12
CA GLU D 81 -24.01 37.41 -2.80
C GLU D 81 -24.52 38.75 -2.30
N PRO D 82 -23.65 39.69 -1.88
CA PRO D 82 -24.15 40.95 -1.29
C PRO D 82 -24.71 41.99 -2.25
N GLY D 83 -24.54 41.78 -3.54
CA GLY D 83 -24.94 42.76 -4.53
C GLY D 83 -23.97 43.93 -4.51
N ILE D 84 -24.48 45.12 -4.78
CA ILE D 84 -23.67 46.34 -4.76
C ILE D 84 -24.42 47.38 -3.95
N THR D 85 -23.72 48.06 -3.03
CA THR D 85 -24.31 49.10 -2.19
C THR D 85 -23.33 50.26 -2.10
N ILE D 86 -23.85 51.49 -2.17
CA ILE D 86 -23.05 52.71 -2.12
C ILE D 86 -23.57 53.57 -0.98
N THR D 87 -22.65 54.09 -0.16
CA THR D 87 -23.00 54.93 0.96
C THR D 87 -22.36 56.31 0.85
N SER D 88 -22.94 57.30 1.53
CA SER D 88 -22.40 58.66 1.60
C SER D 88 -22.43 59.11 3.05
N THR D 89 -21.34 59.70 3.51
CA THR D 89 -21.24 60.26 4.85
C THR D 89 -20.74 61.68 4.70
N SER D 90 -21.46 62.64 5.27
CA SER D 90 -21.08 64.04 5.19
C SER D 90 -20.48 64.49 6.51
N LEU D 91 -19.25 64.98 6.45
CA LEU D 91 -18.53 65.48 7.59
C LEU D 91 -18.07 66.91 7.35
N GLU D 92 -17.71 67.61 8.44
CA GLU D 92 -17.17 68.95 8.40
C GLU D 92 -15.75 68.85 8.91
N LEU D 93 -14.80 69.38 8.15
CA LEU D 93 -13.39 69.34 8.50
C LEU D 93 -12.88 70.76 8.74
N GLY D 94 -12.30 70.98 9.91
CA GLY D 94 -11.80 72.28 10.33
C GLY D 94 -12.77 72.99 11.26
N ASP D 107 -13.92 80.77 4.11
CA ASP D 107 -13.42 80.01 5.25
C ASP D 107 -12.58 78.82 4.81
N ASP D 108 -11.72 78.32 5.73
CA ASP D 108 -10.91 77.11 5.46
C ASP D 108 -11.67 75.80 5.73
N THR D 109 -12.93 75.87 6.19
CA THR D 109 -13.73 74.67 6.47
C THR D 109 -14.01 73.91 5.18
N VAL D 110 -13.99 72.57 5.26
CA VAL D 110 -14.26 71.70 4.12
C VAL D 110 -15.47 70.83 4.45
N PHE D 111 -16.52 70.93 3.62
CA PHE D 111 -17.71 70.08 3.76
C PHE D 111 -17.38 68.87 2.89
N PHE D 112 -16.97 67.79 3.54
CA PHE D 112 -16.47 66.60 2.88
C PHE D 112 -17.49 65.48 2.85
N ASN D 113 -17.75 64.96 1.65
CA ASN D 113 -18.69 63.86 1.45
C ASN D 113 -17.90 62.64 1.00
N LEU D 114 -17.82 61.63 1.86
CA LEU D 114 -17.12 60.41 1.54
C LEU D 114 -18.11 59.36 1.04
N ILE D 115 -17.97 58.99 -0.24
CA ILE D 115 -18.79 57.97 -0.89
C ILE D 115 -17.98 56.68 -0.79
N MET D 116 -18.63 55.57 -0.49
N MET D 116 -18.63 55.56 -0.47
CA MET D 116 -17.95 54.29 -0.33
CA MET D 116 -17.95 54.27 -0.27
C MET D 116 -18.75 53.17 -0.96
C MET D 116 -18.75 53.14 -0.90
N THR D 117 -18.05 52.20 -1.55
CA THR D 117 -18.66 51.04 -2.19
C THR D 117 -18.59 49.84 -1.27
N HIS D 118 -19.56 48.92 -1.43
CA HIS D 118 -19.64 47.68 -0.68
C HIS D 118 -20.15 46.59 -1.62
N GLY D 119 -19.52 45.42 -1.59
CA GLY D 119 -19.95 44.30 -2.40
C GLY D 119 -19.10 43.99 -3.62
N ILE D 120 -18.21 44.92 -4.03
CA ILE D 120 -17.34 44.70 -5.20
C ILE D 120 -16.41 43.52 -4.91
N GLY D 121 -16.28 42.64 -5.88
CA GLY D 121 -15.44 41.46 -5.73
C GLY D 121 -16.10 40.31 -5.00
N GLU D 122 -17.29 40.51 -4.41
CA GLU D 122 -17.99 39.48 -3.66
C GLU D 122 -19.13 38.80 -4.43
N ASN D 123 -19.47 39.29 -5.63
CA ASN D 123 -20.53 38.68 -6.41
C ASN D 123 -19.94 37.76 -7.45
N LEU D 124 -20.64 36.66 -7.74
CA LEU D 124 -20.22 35.74 -8.79
C LEU D 124 -20.16 36.45 -10.14
N ASP D 125 -21.01 37.46 -10.35
CA ASP D 125 -20.96 38.33 -11.50
C ASP D 125 -21.00 39.75 -10.98
N ASP D 126 -19.93 40.52 -11.20
CA ASP D 126 -19.79 41.89 -10.69
C ASP D 126 -20.17 42.98 -11.67
N SER D 127 -20.84 42.65 -12.78
CA SER D 127 -21.24 43.66 -13.77
C SER D 127 -22.15 44.71 -13.15
N LEU D 128 -23.06 44.29 -12.27
CA LEU D 128 -23.96 45.22 -11.59
C LEU D 128 -23.20 46.30 -10.81
N CYS D 129 -21.96 46.01 -10.36
CA CYS D 129 -21.20 46.96 -9.58
C CYS D 129 -20.87 48.19 -10.40
N SER D 130 -20.21 48.00 -11.55
CA SER D 130 -19.86 49.11 -12.41
C SER D 130 -21.10 49.80 -12.95
N GLU D 131 -22.17 49.05 -13.23
CA GLU D 131 -23.42 49.65 -13.70
C GLU D 131 -23.98 50.61 -12.64
N GLU D 132 -23.99 50.20 -11.36
CA GLU D 132 -24.51 51.06 -10.30
C GLU D 132 -23.61 52.24 -9.99
N VAL D 133 -22.29 52.08 -10.10
CA VAL D 133 -21.36 53.18 -9.87
C VAL D 133 -21.58 54.25 -10.94
N MET D 134 -21.70 53.83 -12.21
CA MET D 134 -21.97 54.78 -13.29
C MET D 134 -23.34 55.43 -13.13
N SER D 135 -24.37 54.64 -12.73
CA SER D 135 -25.70 55.21 -12.50
C SER D 135 -25.67 56.31 -11.44
N TYR D 136 -25.00 56.07 -10.31
CA TYR D 136 -24.92 57.06 -9.25
C TYR D 136 -24.19 58.32 -9.73
N LEU D 137 -23.01 58.16 -10.32
CA LEU D 137 -22.22 59.30 -10.79
C LEU D 137 -23.00 60.12 -11.84
N GLU D 138 -23.60 59.44 -12.81
CA GLU D 138 -24.37 60.11 -13.85
C GLU D 138 -25.63 60.75 -13.30
N GLN D 139 -26.23 60.18 -12.24
CA GLN D 139 -27.41 60.79 -11.62
C GLN D 139 -27.03 62.11 -10.97
N GLN D 140 -25.84 62.20 -10.38
CA GLN D 140 -25.38 63.47 -9.79
C GLN D 140 -25.20 64.52 -10.89
N PHE D 141 -24.64 64.12 -12.04
CA PHE D 141 -24.51 65.03 -13.18
C PHE D 141 -25.88 65.49 -13.67
N ASP D 142 -26.84 64.58 -13.75
CA ASP D 142 -28.19 64.91 -14.17
C ASP D 142 -28.89 65.84 -13.18
N ILE D 143 -28.61 65.70 -11.89
CA ILE D 143 -29.18 66.59 -10.86
C ILE D 143 -28.66 68.00 -11.06
N VAL D 144 -27.32 68.14 -11.21
CA VAL D 144 -26.72 69.46 -11.41
C VAL D 144 -27.23 70.08 -12.71
N LEU D 145 -27.34 69.28 -13.77
CA LEU D 145 -27.85 69.78 -15.04
C LEU D 145 -29.31 70.23 -14.93
N ALA D 146 -30.16 69.49 -14.20
CA ALA D 146 -31.56 69.87 -14.04
C ALA D 146 -31.65 71.17 -13.23
N GLU D 147 -30.83 71.32 -12.19
CA GLU D 147 -30.81 72.54 -11.39
C GLU D 147 -30.34 73.73 -12.25
N GLU D 148 -29.27 73.54 -13.01
CA GLU D 148 -28.75 74.55 -13.92
C GLU D 148 -29.80 74.95 -14.99
N THR D 149 -30.62 73.99 -15.43
CA THR D 149 -31.65 74.22 -16.43
C THR D 149 -32.91 74.91 -15.88
N ARG D 150 -33.08 74.94 -14.55
CA ARG D 150 -34.26 75.50 -13.90
C ARG D 150 -34.35 77.02 -14.09
N ILE D 151 -35.56 77.58 -14.00
CA ILE D 151 -35.75 79.03 -14.10
C ILE D 151 -35.43 79.62 -12.73
N LYS D 152 -36.03 79.07 -11.66
CA LYS D 152 -35.78 79.52 -10.30
C LYS D 152 -34.62 78.70 -9.75
N ARG D 153 -33.41 78.99 -10.22
CA ARG D 153 -32.21 78.27 -9.80
C ARG D 153 -31.75 78.73 -8.41
N ASN D 154 -30.88 77.93 -7.80
CA ASN D 154 -30.27 78.24 -6.52
C ASN D 154 -28.74 78.11 -6.72
N PRO D 155 -27.94 79.18 -6.72
CA PRO D 155 -26.49 79.02 -6.86
C PRO D 155 -25.85 78.24 -5.69
N ARG D 156 -26.45 78.29 -4.49
CA ARG D 156 -25.96 77.55 -3.32
C ARG D 156 -26.48 76.11 -3.27
N PHE D 157 -26.87 75.52 -4.42
CA PHE D 157 -27.42 74.17 -4.45
C PHE D 157 -26.40 73.16 -3.92
N GLU D 158 -26.90 72.12 -3.28
CA GLU D 158 -26.05 71.08 -2.72
C GLU D 158 -25.42 70.26 -3.86
N ASP D 159 -24.14 70.52 -4.14
CA ASP D 159 -23.44 69.79 -5.19
C ASP D 159 -23.08 68.40 -4.66
N THR D 160 -23.50 67.35 -5.37
CA THR D 160 -23.24 65.97 -4.97
C THR D 160 -22.30 65.24 -5.96
N ARG D 161 -21.62 65.98 -6.85
CA ARG D 161 -20.76 65.36 -7.84
C ARG D 161 -19.47 64.90 -7.20
N VAL D 162 -19.03 63.70 -7.54
CA VAL D 162 -17.80 63.13 -7.01
C VAL D 162 -16.65 63.84 -7.69
N HIS D 163 -15.75 64.44 -6.91
CA HIS D 163 -14.62 65.20 -7.44
C HIS D 163 -13.37 64.33 -7.62
N VAL D 164 -13.16 63.34 -6.75
CA VAL D 164 -12.04 62.42 -6.90
C VAL D 164 -12.47 61.03 -6.45
N ALA D 165 -11.90 60.00 -7.06
CA ALA D 165 -12.22 58.62 -6.75
C ALA D 165 -10.95 57.81 -6.64
N LEU D 166 -10.80 57.06 -5.56
CA LEU D 166 -9.64 56.22 -5.33
C LEU D 166 -10.05 54.79 -5.57
N TYR D 167 -9.40 54.13 -6.56
CA TYR D 167 -9.70 52.73 -6.82
C TYR D 167 -8.64 51.88 -6.13
N PHE D 168 -9.09 51.04 -5.23
CA PHE D 168 -8.23 50.23 -4.38
C PHE D 168 -7.89 48.90 -5.05
N ILE D 169 -6.60 48.72 -5.44
CA ILE D 169 -6.15 47.52 -6.13
C ILE D 169 -5.74 46.48 -5.11
N GLU D 170 -6.20 45.24 -5.30
CA GLU D 170 -5.85 44.14 -4.41
C GLU D 170 -4.37 43.82 -4.51
N PRO D 171 -3.70 43.48 -3.40
CA PRO D 171 -2.28 43.13 -3.48
C PRO D 171 -2.00 41.74 -4.07
N THR D 172 -2.19 41.61 -5.38
CA THR D 172 -1.97 40.36 -6.10
C THR D 172 -0.48 40.22 -6.46
N GLY D 173 0.13 41.32 -6.89
CA GLY D 173 1.53 41.35 -7.28
C GLY D 173 1.76 41.19 -8.76
N HIS D 174 0.70 40.89 -9.55
CA HIS D 174 0.83 40.69 -11.00
C HIS D 174 0.47 41.96 -11.77
N GLY D 175 -0.76 42.44 -11.66
CA GLY D 175 -1.19 43.63 -12.36
C GLY D 175 -2.67 43.87 -12.18
N LEU D 176 -3.33 44.36 -13.23
CA LEU D 176 -4.76 44.61 -13.18
C LEU D 176 -5.54 43.42 -13.70
N ARG D 177 -6.73 43.23 -13.15
CA ARG D 177 -7.67 42.21 -13.56
C ARG D 177 -8.90 42.87 -14.21
N GLU D 178 -9.80 42.05 -14.78
CA GLU D 178 -10.95 42.56 -15.51
C GLU D 178 -11.82 43.53 -14.68
N VAL D 179 -12.04 43.24 -13.39
CA VAL D 179 -12.86 44.11 -12.55
C VAL D 179 -12.17 45.46 -12.34
N ASP D 180 -10.85 45.46 -12.22
CA ASP D 180 -10.10 46.70 -12.00
C ASP D 180 -10.22 47.60 -13.20
N VAL D 181 -10.03 47.02 -14.39
CA VAL D 181 -10.09 47.77 -15.64
C VAL D 181 -11.51 48.28 -15.87
N GLU D 182 -12.51 47.40 -15.75
CA GLU D 182 -13.91 47.75 -15.95
C GLU D 182 -14.34 48.91 -15.05
N LEU D 183 -14.09 48.81 -13.75
CA LEU D 183 -14.50 49.85 -12.82
C LEU D 183 -13.75 51.15 -13.01
N MET D 184 -12.41 51.10 -13.19
CA MET D 184 -11.65 52.33 -13.37
C MET D 184 -12.06 53.06 -14.66
N LYS D 185 -12.27 52.32 -15.75
CA LYS D 185 -12.72 52.95 -17.00
C LYS D 185 -14.13 53.51 -16.87
N SER D 186 -14.99 52.82 -16.13
CA SER D 186 -16.36 53.26 -15.90
C SER D 186 -16.38 54.56 -15.10
N ILE D 187 -15.55 54.66 -14.05
CA ILE D 187 -15.51 55.84 -13.18
C ILE D 187 -14.86 57.03 -13.89
N SER D 188 -13.81 56.78 -14.70
CA SER D 188 -13.10 57.86 -15.39
C SER D 188 -13.99 58.80 -16.21
N LYS D 189 -15.13 58.30 -16.69
CA LYS D 189 -16.03 59.12 -17.48
C LYS D 189 -16.62 60.30 -16.69
N TYR D 190 -16.72 60.19 -15.36
CA TYR D 190 -17.34 61.22 -14.53
C TYR D 190 -16.41 61.94 -13.57
N THR D 191 -15.32 61.30 -13.14
CA THR D 191 -14.41 61.92 -12.17
C THR D 191 -12.96 61.47 -12.40
N ASN D 192 -12.02 62.08 -11.65
CA ASN D 192 -10.62 61.73 -11.68
C ASN D 192 -10.45 60.42 -10.90
N VAL D 193 -9.64 59.49 -11.44
CA VAL D 193 -9.42 58.19 -10.81
C VAL D 193 -7.97 58.07 -10.40
N LEU D 194 -7.75 57.68 -9.15
CA LEU D 194 -6.41 57.45 -8.64
C LEU D 194 -6.29 55.97 -8.27
N PRO D 195 -5.63 55.13 -9.10
CA PRO D 195 -5.42 53.74 -8.67
C PRO D 195 -4.47 53.70 -7.48
N ILE D 196 -4.77 52.88 -6.47
CA ILE D 196 -3.99 52.84 -5.25
C ILE D 196 -3.53 51.41 -4.98
N ILE D 197 -2.22 51.24 -4.80
CA ILE D 197 -1.65 49.97 -4.39
C ILE D 197 -1.93 49.93 -2.87
N THR D 198 -2.93 49.15 -2.48
CA THR D 198 -3.36 49.06 -1.09
C THR D 198 -2.65 47.98 -0.36
N ARG D 199 -2.47 48.18 0.96
CA ARG D 199 -1.80 47.19 1.82
C ARG D 199 -0.40 46.92 1.27
N ALA D 200 0.35 48.00 1.00
CA ALA D 200 1.69 47.88 0.40
C ALA D 200 2.67 47.06 1.29
N ASP D 201 2.32 46.84 2.57
CA ASP D 201 3.08 45.97 3.46
C ASP D 201 2.94 44.49 3.06
N SER D 202 2.11 44.17 2.04
CA SER D 202 2.01 42.85 1.44
C SER D 202 3.18 42.58 0.48
N PHE D 203 4.03 43.58 0.21
CA PHE D 203 5.12 43.45 -0.73
C PHE D 203 6.43 43.89 -0.14
N THR D 204 7.51 43.30 -0.66
CA THR D 204 8.84 43.77 -0.40
C THR D 204 9.08 44.98 -1.34
N LYS D 205 10.19 45.72 -1.14
CA LYS D 205 10.52 46.86 -1.98
C LYS D 205 10.57 46.48 -3.47
N GLU D 206 11.28 45.39 -3.80
CA GLU D 206 11.38 44.91 -5.17
C GLU D 206 10.02 44.51 -5.73
N GLU D 207 9.23 43.78 -4.94
CA GLU D 207 7.89 43.36 -5.37
C GLU D 207 6.99 44.55 -5.62
N LEU D 208 7.03 45.56 -4.75
CA LEU D 208 6.20 46.74 -4.90
C LEU D 208 6.59 47.54 -6.15
N THR D 209 7.89 47.70 -6.41
CA THR D 209 8.36 48.38 -7.62
C THR D 209 7.88 47.63 -8.87
N GLN D 210 8.01 46.29 -8.86
CA GLN D 210 7.53 45.49 -9.99
C GLN D 210 6.02 45.58 -10.17
N PHE D 211 5.26 45.55 -9.08
CA PHE D 211 3.81 45.66 -9.15
C PHE D 211 3.38 47.00 -9.73
N ARG D 212 4.05 48.08 -9.33
CA ARG D 212 3.77 49.43 -9.85
C ARG D 212 4.04 49.48 -11.36
N LYS D 213 5.15 48.89 -11.81
CA LYS D 213 5.49 48.86 -13.24
C LYS D 213 4.46 48.05 -14.02
N ASN D 214 4.04 46.90 -13.46
CA ASN D 214 3.05 46.03 -14.08
C ASN D 214 1.69 46.72 -14.21
N ILE D 215 1.26 47.43 -13.17
CA ILE D 215 -0.03 48.14 -13.20
C ILE D 215 0.02 49.24 -14.25
N MET D 216 1.14 49.99 -14.32
CA MET D 216 1.25 51.06 -15.31
C MET D 216 1.27 50.49 -16.73
N PHE D 217 1.89 49.31 -16.92
CA PHE D 217 1.86 48.62 -18.20
C PHE D 217 0.39 48.30 -18.59
N ASP D 218 -0.42 47.83 -17.62
CA ASP D 218 -1.82 47.49 -17.87
C ASP D 218 -2.67 48.72 -18.15
N VAL D 219 -2.51 49.79 -17.39
CA VAL D 219 -3.28 51.02 -17.62
C VAL D 219 -2.98 51.59 -19.02
N GLU D 220 -1.72 51.45 -19.50
CA GLU D 220 -1.34 51.90 -20.82
C GLU D 220 -1.94 50.98 -21.89
N ARG D 221 -1.91 49.65 -21.64
CA ARG D 221 -2.44 48.67 -22.57
C ARG D 221 -3.96 48.77 -22.72
N TYR D 222 -4.69 48.87 -21.61
CA TYR D 222 -6.15 48.90 -21.64
C TYR D 222 -6.75 50.30 -21.68
N ASN D 223 -5.93 51.35 -21.93
CA ASN D 223 -6.39 52.73 -22.01
C ASN D 223 -7.25 53.13 -20.81
N VAL D 224 -6.72 52.91 -19.61
CA VAL D 224 -7.44 53.24 -18.38
C VAL D 224 -7.15 54.72 -18.12
N PRO D 225 -8.12 55.65 -18.30
CA PRO D 225 -7.79 57.08 -18.13
C PRO D 225 -7.67 57.54 -16.67
N ILE D 226 -6.63 57.08 -16.00
CA ILE D 226 -6.35 57.49 -14.63
C ILE D 226 -5.86 58.94 -14.64
N TYR D 227 -5.93 59.61 -13.48
CA TYR D 227 -5.48 60.98 -13.36
C TYR D 227 -3.99 61.09 -13.66
N LYS D 228 -3.60 62.16 -14.36
CA LYS D 228 -2.24 62.37 -14.80
C LYS D 228 -1.64 63.53 -14.01
N PHE D 229 -0.77 63.20 -13.05
CA PHE D 229 -0.13 64.24 -12.23
C PHE D 229 0.94 64.96 -13.06
N GLU D 230 0.70 66.25 -13.35
CA GLU D 230 1.60 67.05 -14.16
C GLU D 230 1.35 68.55 -13.98
N ASP D 237 2.68 77.12 -13.68
CA ASP D 237 3.97 77.40 -14.32
C ASP D 237 4.91 76.17 -14.20
N LEU D 238 6.19 76.32 -14.58
CA LEU D 238 7.16 75.23 -14.50
C LEU D 238 7.69 75.00 -13.09
N GLU D 239 7.38 75.88 -12.11
CA GLU D 239 7.81 75.69 -10.73
C GLU D 239 7.36 74.33 -10.19
N SER D 240 6.16 73.89 -10.59
CA SER D 240 5.61 72.61 -10.16
C SER D 240 6.23 71.38 -10.85
N MET D 241 7.38 71.52 -11.54
CA MET D 241 7.99 70.38 -12.22
C MET D 241 8.44 69.30 -11.21
N GLU D 242 9.26 69.66 -10.22
CA GLU D 242 9.79 68.69 -9.26
C GLU D 242 8.71 68.00 -8.45
N GLU D 243 7.75 68.77 -7.93
CA GLU D 243 6.68 68.20 -7.12
C GLU D 243 5.80 67.27 -7.93
N ASN D 244 5.20 67.75 -9.04
CA ASN D 244 4.29 66.94 -9.82
C ASN D 244 4.98 65.73 -10.43
N GLN D 245 6.25 65.86 -10.86
CA GLN D 245 7.00 64.71 -11.37
C GLN D 245 7.13 63.65 -10.28
N ALA D 246 7.43 64.06 -9.04
CA ALA D 246 7.50 63.13 -7.91
C ALA D 246 6.12 62.48 -7.64
N LEU D 247 5.01 63.18 -7.93
CA LEU D 247 3.67 62.61 -7.78
C LEU D 247 3.41 61.61 -8.92
N ALA D 248 3.87 61.90 -10.13
CA ALA D 248 3.70 61.00 -11.28
C ALA D 248 4.60 59.76 -11.16
N SER D 249 5.75 59.86 -10.47
CA SER D 249 6.64 58.73 -10.30
C SER D 249 6.04 57.70 -9.34
N LEU D 250 5.33 58.15 -8.30
CA LEU D 250 4.76 57.25 -7.31
C LEU D 250 3.42 56.64 -7.75
N GLN D 251 3.05 56.73 -9.04
CA GLN D 251 1.78 56.20 -9.51
C GLN D 251 1.80 54.71 -9.82
N PRO D 252 0.87 53.87 -9.29
CA PRO D 252 -0.20 54.19 -8.31
C PRO D 252 0.36 54.38 -6.91
N PHE D 253 -0.22 55.27 -6.11
CA PHE D 253 0.26 55.51 -4.75
C PHE D 253 0.17 54.23 -3.93
N ALA D 254 1.28 53.83 -3.30
CA ALA D 254 1.33 52.63 -2.49
C ALA D 254 1.18 53.02 -1.04
N ILE D 255 0.04 52.69 -0.44
CA ILE D 255 -0.27 53.08 0.91
C ILE D 255 -0.35 51.92 1.89
N ILE D 256 -0.07 52.22 3.16
CA ILE D 256 -0.20 51.30 4.29
C ILE D 256 -1.01 52.07 5.31
N THR D 257 -2.16 51.54 5.69
CA THR D 257 -3.08 52.19 6.61
C THR D 257 -3.31 51.38 7.87
N SER D 258 -3.83 52.05 8.89
CA SER D 258 -4.21 51.43 10.15
C SER D 258 -5.07 52.37 10.94
N ASP D 259 -6.18 51.86 11.46
CA ASP D 259 -7.09 52.62 12.31
C ASP D 259 -6.96 52.24 13.81
N THR D 260 -5.94 51.43 14.17
CA THR D 260 -5.68 51.02 15.54
C THR D 260 -4.40 51.71 16.02
N ARG D 261 -4.43 52.24 17.24
CA ARG D 261 -3.30 52.95 17.82
C ARG D 261 -2.60 52.10 18.88
N ASP D 262 -1.36 52.48 19.20
CA ASP D 262 -0.57 51.82 20.23
C ASP D 262 -0.68 52.63 21.56
N SER D 263 0.09 52.24 22.60
CA SER D 263 0.06 52.96 23.87
C SER D 263 0.46 54.42 23.73
N GLU D 264 1.46 54.72 22.89
CA GLU D 264 1.86 56.10 22.64
C GLU D 264 0.85 56.92 21.80
N GLY D 265 -0.24 56.30 21.35
CA GLY D 265 -1.26 56.96 20.56
C GLY D 265 -0.91 57.10 19.09
N ARG D 266 0.05 56.29 18.58
CA ARG D 266 0.48 56.35 17.19
C ARG D 266 -0.11 55.19 16.41
N TYR D 267 -0.59 55.46 15.19
CA TYR D 267 -1.16 54.43 14.33
C TYR D 267 -0.05 53.47 13.91
N VAL D 268 -0.26 52.17 14.15
CA VAL D 268 0.75 51.15 13.85
C VAL D 268 0.06 49.85 13.41
N ARG D 269 0.84 48.94 12.78
CA ARG D 269 0.44 47.57 12.50
C ARG D 269 1.47 46.71 13.17
N GLU D 270 1.04 45.84 14.08
CA GLU D 270 1.95 45.01 14.87
C GLU D 270 1.91 43.56 14.41
N TYR D 271 2.96 43.13 13.70
CA TYR D 271 3.12 41.77 13.23
C TYR D 271 4.05 41.01 14.19
N PRO D 272 3.97 39.66 14.28
CA PRO D 272 4.89 38.94 15.17
C PRO D 272 6.38 39.23 14.94
N TRP D 273 6.73 39.67 13.72
CA TRP D 273 8.10 39.96 13.29
C TRP D 273 8.50 41.43 13.29
N GLY D 274 7.59 42.34 13.62
CA GLY D 274 7.92 43.75 13.66
C GLY D 274 6.71 44.65 13.64
N ILE D 275 6.93 45.93 13.93
CA ILE D 275 5.88 46.92 13.99
C ILE D 275 6.09 47.93 12.87
N ILE D 276 5.04 48.23 12.12
CA ILE D 276 5.09 49.24 11.07
C ILE D 276 4.47 50.51 11.62
N SER D 277 5.25 51.58 11.76
CA SER D 277 4.71 52.87 12.18
C SER D 277 4.23 53.58 10.93
N ILE D 278 2.94 53.92 10.86
CA ILE D 278 2.35 54.48 9.65
C ILE D 278 2.93 55.87 9.31
N ASP D 279 3.23 56.67 10.34
CA ASP D 279 3.79 58.01 10.14
C ASP D 279 5.10 58.02 9.35
N ASP D 280 5.93 56.96 9.46
CA ASP D 280 7.17 56.86 8.68
C ASP D 280 6.89 57.01 7.17
N ASP D 281 7.61 57.94 6.53
CA ASP D 281 7.39 58.24 5.12
C ASP D 281 8.12 57.30 4.15
N LYS D 282 9.13 56.57 4.61
CA LYS D 282 9.87 55.65 3.74
C LYS D 282 9.12 54.36 3.40
N ILE D 283 7.99 54.09 4.07
CA ILE D 283 7.25 52.84 3.87
C ILE D 283 6.09 53.03 2.89
N SER D 284 5.36 54.13 3.02
CA SER D 284 4.13 54.33 2.26
C SER D 284 4.02 55.75 1.74
N ASP D 285 3.22 55.91 0.69
CA ASP D 285 2.92 57.22 0.10
C ASP D 285 1.61 57.77 0.68
N LEU D 286 1.25 57.40 1.92
CA LEU D 286 -0.02 57.80 2.50
C LEU D 286 -0.08 59.29 2.77
N LYS D 287 0.98 59.86 3.34
CA LYS D 287 1.03 61.29 3.62
C LYS D 287 1.08 62.10 2.34
N VAL D 288 1.79 61.60 1.32
CA VAL D 288 1.84 62.26 0.02
C VAL D 288 0.43 62.26 -0.59
N LEU D 289 -0.27 61.12 -0.53
CA LEU D 289 -1.64 61.01 -1.01
C LEU D 289 -2.58 61.97 -0.28
N LYS D 290 -2.44 62.09 1.04
CA LYS D 290 -3.29 63.00 1.82
C LYS D 290 -3.05 64.46 1.44
N ASN D 291 -1.79 64.85 1.24
CA ASN D 291 -1.46 66.21 0.79
C ASN D 291 -1.94 66.48 -0.63
N VAL D 292 -2.03 65.44 -1.47
CA VAL D 292 -2.57 65.58 -2.82
C VAL D 292 -4.08 65.81 -2.72
N LEU D 293 -4.76 65.02 -1.89
CA LEU D 293 -6.20 65.07 -1.82
C LEU D 293 -6.74 66.34 -1.18
N PHE D 294 -6.26 66.69 0.02
CA PHE D 294 -6.77 67.84 0.75
C PHE D 294 -5.92 69.10 0.66
N GLY D 295 -4.81 69.06 -0.08
CA GLY D 295 -3.95 70.21 -0.21
C GLY D 295 -3.80 70.70 -1.63
N SER D 296 -2.78 70.20 -2.31
CA SER D 296 -2.42 70.67 -3.63
C SER D 296 -3.49 70.50 -4.71
N HIS D 297 -4.06 69.31 -4.83
CA HIS D 297 -4.97 68.99 -5.93
C HIS D 297 -6.46 68.95 -5.58
N LEU D 298 -6.89 69.37 -4.38
CA LEU D 298 -8.34 69.40 -4.06
C LEU D 298 -9.13 70.20 -5.12
N GLN D 299 -8.67 71.42 -5.40
CA GLN D 299 -9.31 72.28 -6.36
C GLN D 299 -9.04 71.85 -7.80
N GLU D 300 -7.90 71.21 -8.09
CA GLU D 300 -7.61 70.69 -9.42
C GLU D 300 -8.59 69.56 -9.75
N PHE D 301 -8.83 68.65 -8.80
CA PHE D 301 -9.79 67.57 -9.02
C PHE D 301 -11.20 68.13 -9.18
N LYS D 302 -11.56 69.07 -8.31
CA LYS D 302 -12.88 69.68 -8.35
C LYS D 302 -13.12 70.42 -9.67
N ASP D 303 -12.16 71.22 -10.13
CA ASP D 303 -12.27 71.96 -11.38
C ASP D 303 -12.34 71.03 -12.58
N THR D 304 -11.48 70.02 -12.65
CA THR D 304 -11.49 69.08 -13.76
C THR D 304 -12.82 68.32 -13.83
N THR D 305 -13.38 67.98 -12.67
CA THR D 305 -14.64 67.24 -12.64
C THR D 305 -15.82 68.11 -13.11
N GLN D 306 -15.99 69.28 -12.51
CA GLN D 306 -17.16 70.09 -12.75
C GLN D 306 -17.07 70.98 -13.98
N ASN D 307 -15.87 71.28 -14.46
CA ASN D 307 -15.69 72.17 -15.61
C ASN D 307 -15.19 71.51 -16.88
N LEU D 308 -14.85 70.21 -16.85
CA LEU D 308 -14.45 69.50 -18.05
C LEU D 308 -15.31 68.25 -18.26
N LEU D 309 -15.36 67.35 -17.27
CA LEU D 309 -16.09 66.10 -17.43
C LEU D 309 -17.59 66.35 -17.42
N TYR D 310 -18.08 67.14 -16.46
CA TYR D 310 -19.51 67.47 -16.42
C TYR D 310 -19.91 68.23 -17.70
N GLU D 311 -19.07 69.15 -18.16
CA GLU D 311 -19.37 69.96 -19.33
C GLU D 311 -19.42 69.09 -20.59
N ASN D 312 -18.57 68.06 -20.69
CA ASN D 312 -18.60 67.13 -21.81
C ASN D 312 -19.87 66.29 -21.77
N TYR D 313 -20.29 65.86 -20.58
CA TYR D 313 -21.55 65.15 -20.40
C TYR D 313 -22.74 66.03 -20.85
N ARG D 314 -22.74 67.29 -20.41
CA ARG D 314 -23.79 68.23 -20.76
C ARG D 314 -23.83 68.47 -22.27
N SER D 315 -22.66 68.69 -22.89
CA SER D 315 -22.57 68.90 -24.33
C SER D 315 -23.17 67.72 -25.10
N GLU D 316 -22.88 66.49 -24.64
CA GLU D 316 -23.42 65.29 -25.26
C GLU D 316 -24.95 65.27 -25.09
N LYS D 317 -25.44 65.51 -23.86
CA LYS D 317 -26.88 65.54 -23.62
C LYS D 317 -27.62 66.57 -24.46
N LEU D 318 -27.01 67.72 -24.71
CA LEU D 318 -27.65 68.78 -25.50
C LEU D 318 -27.31 68.74 -26.99
N SER D 319 -26.70 67.66 -27.50
CA SER D 319 -26.32 67.47 -28.91
C SER D 319 -27.07 68.35 -29.93
PB GDP E . 15.36 -48.91 -3.84
O1B GDP E . 15.96 -50.25 -4.19
O2B GDP E . 14.13 -49.01 -2.95
O3B GDP E . 15.12 -48.04 -5.06
O3A GDP E . 16.44 -48.14 -2.94
PA GDP E . 17.95 -47.60 -2.90
O1A GDP E . 18.63 -48.12 -1.70
O2A GDP E . 18.57 -47.79 -4.23
O5' GDP E . 17.66 -46.05 -2.67
C5' GDP E . 17.29 -45.55 -1.38
C4' GDP E . 18.10 -44.31 -1.09
O4' GDP E . 18.10 -44.10 0.34
C3' GDP E . 19.58 -44.33 -1.47
O3' GDP E . 20.11 -43.02 -1.69
C2' GDP E . 20.21 -45.03 -0.26
O2' GDP E . 21.59 -44.72 -0.06
C1' GDP E . 19.31 -44.59 0.90
N9 GDP E . 18.97 -45.62 1.89
C8 GDP E . 18.87 -46.97 1.73
N7 GDP E . 18.52 -47.61 2.82
C5 GDP E . 18.38 -46.59 3.76
C6 GDP E . 17.97 -46.65 5.12
O6 GDP E . 17.67 -47.66 5.76
N1 GDP E . 17.90 -45.40 5.70
C2 GDP E . 18.21 -44.22 5.07
N2 GDP E . 18.13 -43.11 5.79
N3 GDP E . 18.58 -44.15 3.80
C4 GDP E . 18.65 -45.36 3.21
H5' GDP E . 16.25 -45.23 -1.43
H5'' GDP E . 17.29 -46.29 -0.56
H4' GDP E . 17.58 -43.46 -1.53
H3' GDP E . 19.78 -44.82 -2.43
HO3' GDP E . 19.89 -42.51 -0.89
H2' GDP E . 20.18 -46.11 -0.40
HO2' GDP E . 21.59 -43.75 0.02
H1' GDP E . 19.74 -43.74 1.44
H8 GDP E . 19.04 -47.46 0.78
HN1 GDP E . 17.59 -45.40 6.67
HN21 GDP E . 18.33 -42.18 5.41
HN22 GDP E . 17.86 -43.19 6.77
PB GDP F . 0.92 -34.75 8.57
O1B GDP F . 0.37 -33.44 9.08
O2B GDP F . -0.08 -35.88 8.64
O3B GDP F . 1.56 -34.63 7.19
O3A GDP F . 2.11 -35.10 9.61
PA GDP F . 2.36 -35.16 11.18
O1A GDP F . 2.72 -33.81 11.66
O2A GDP F . 1.22 -35.86 11.82
O5' GDP F . 3.66 -36.07 11.30
C5' GDP F . 3.63 -37.51 11.09
C4' GDP F . 4.68 -38.18 11.92
O4' GDP F . 5.98 -37.76 11.45
C3' GDP F . 4.66 -37.91 13.44
O3' GDP F . 4.99 -39.05 14.24
C2' GDP F . 5.71 -36.80 13.60
O2' GDP F . 6.31 -36.72 14.89
C1' GDP F . 6.72 -37.20 12.52
N9 GDP F . 7.57 -36.12 11.99
C8 GDP F . 7.27 -34.78 11.87
N7 GDP F . 8.24 -34.07 11.35
C5 GDP F . 9.24 -35.00 11.12
C6 GDP F . 10.56 -34.83 10.58
O6 GDP F . 11.08 -33.79 10.20
N1 GDP F . 11.24 -36.02 10.51
C2 GDP F . 10.75 -37.24 10.88
N2 GDP F . 11.54 -38.29 10.69
N3 GDP F . 9.54 -37.42 11.40
C4 GDP F . 8.84 -36.25 11.49
H5' GDP F . 2.66 -37.90 11.40
H5'' GDP F . 3.71 -37.79 10.04
H4' GDP F . 4.63 -39.25 11.70
H3' GDP F . 3.67 -37.62 13.80
HO3' GDP F . 5.80 -39.40 13.84
H2' GDP F . 5.28 -35.82 13.39
HO2' GDP F . 6.61 -37.63 15.06
H1' GDP F . 7.38 -37.99 12.89
H8 GDP F . 6.31 -34.37 12.16
HN1 GDP F . 12.19 -35.94 10.16
HN21 GDP F . 12.48 -38.24 10.29
HN22 GDP F . 11.17 -39.19 10.97
MG MG G . -1.53 -33.24 10.02
S SO4 H . -9.41 -45.00 -5.49
O1 SO4 H . -9.59 -43.60 -5.11
O2 SO4 H . -8.57 -45.66 -4.48
O3 SO4 H . -10.74 -45.65 -5.52
O4 SO4 H . -8.82 -45.04 -6.85
PB GDP I . 0.02 32.76 -7.91
O1B GDP I . -0.48 33.57 -9.08
O2B GDP I . -1.04 32.48 -6.87
O3B GDP I . 0.75 31.50 -8.35
O3A GDP I . 1.17 33.61 -7.17
PA GDP I . 2.71 33.98 -7.31
O1A GDP I . 3.48 33.28 -6.26
O2A GDP I . 3.12 33.82 -8.73
O5' GDP I . 2.71 35.55 -7.05
C5' GDP I . 2.41 36.09 -5.75
C4' GDP I . 3.19 37.37 -5.57
O4' GDP I . 3.26 37.66 -4.16
C3' GDP I . 4.67 37.37 -6.01
O3' GDP I . 5.15 38.71 -6.17
C2' GDP I . 5.37 36.72 -4.81
O2' GDP I . 6.75 37.07 -4.68
C1' GDP I . 4.50 37.21 -3.64
N9 GDP I . 4.22 36.24 -2.57
C8 GDP I . 4.27 34.86 -2.64
N7 GDP I . 3.99 34.28 -1.51
C5 GDP I . 3.73 35.32 -0.64
C6 GDP I . 3.38 35.32 0.74
O6 GDP I . 3.32 34.35 1.48
N1 GDP I . 3.16 36.59 1.22
C2 GDP I . 3.30 37.74 0.50
N2 GDP I . 3.05 38.89 1.14
N3 GDP I . 3.65 37.77 -0.77
C4 GDP I . 3.86 36.53 -1.28
H5' GDP I . 1.36 36.37 -5.77
H5'' GDP I . 2.49 35.38 -4.92
H4' GDP I . 2.63 38.17 -6.04
H3' GDP I . 4.86 36.87 -6.97
HO3' GDP I . 4.61 39.07 -6.90
H2' GDP I . 5.35 35.64 -4.92
HO2' GDP I . 6.74 38.04 -4.65
H1' GDP I . 4.94 38.09 -3.14
H8 GDP I . 4.48 34.32 -3.56
HN1 GDP I . 2.88 36.62 2.20
HN21 GDP I . 2.77 38.95 2.12
HN22 GDP I . 3.14 39.74 0.58
PB GDP J . -12.31 47.03 3.17
O1B GDP J . -13.18 48.22 3.51
O2B GDP J . -13.07 45.73 3.23
O3B GDP J . -11.57 47.21 1.86
O3A GDP J . -11.19 46.95 4.30
PA GDP J . -10.97 46.87 5.89
O1A GDP J . -12.28 46.86 6.56
O2A GDP J . -9.98 47.90 6.28
O5' GDP J . -10.36 45.42 6.04
C5' GDP J . -9.02 45.11 5.63
C4' GDP J . -8.37 44.16 6.61
O4' GDP J . -6.95 44.34 6.54
C3' GDP J . -8.69 44.36 8.10
O3' GDP J . -8.47 43.18 8.88
C2' GDP J . -7.71 45.48 8.48
O2' GDP J . -7.42 45.56 9.88
C1' GDP J . -6.49 45.13 7.61
N9 GDP J . -5.73 46.28 7.05
C8 GDP J . -6.08 47.61 6.97
N7 GDP J . -5.18 48.36 6.39
C5 GDP J . -4.17 47.47 6.06
C6 GDP J . -2.92 47.67 5.40
O6 GDP J . -2.47 48.75 5.00
N1 GDP J . -2.21 46.51 5.25
C2 GDP J . -2.62 45.27 5.68
N2 GDP J . -1.79 44.24 5.44
N3 GDP J . -3.77 45.06 6.30
C4 GDP J . -4.50 46.18 6.46
H5' GDP J . -9.10 44.55 4.68
H5'' GDP J . -8.40 45.97 5.37
H4' GDP J . -8.58 43.14 6.29
H3' GDP J . -9.73 44.59 8.30
HO3' GDP J . -7.58 42.86 8.64
H2' GDP J . -8.15 46.45 8.23
HO2' GDP J . -7.08 44.66 10.09
H1' GDP J . -5.78 44.53 8.17
H8 GDP J . -7.01 47.99 7.35
HN1 GDP J . -1.31 46.63 4.79
HN21 GDP J . -1.99 43.28 5.72
HN22 GDP J . -0.92 44.44 4.96
#